data_5JR6
#
_entry.id   5JR6
#
_cell.length_a   147.220
_cell.length_b   99.930
_cell.length_c   105.170
_cell.angle_alpha   90.00
_cell.angle_beta   105.21
_cell.angle_gamma   90.00
#
_symmetry.space_group_name_H-M   'C 1 2 1'
#
loop_
_entity.id
_entity.type
_entity.pdbx_description
1 polymer 'Peptidase, putative'
2 polymer Apstatin
3 non-polymer 'MANGANESE (II) ION'
4 non-polymer 'PHOSPHATE ION'
5 water water
#
loop_
_entity_poly.entity_id
_entity_poly.type
_entity_poly.pdbx_seq_one_letter_code
_entity_poly.pdbx_strand_id
1 'polypeptide(L)'
;MNTVDVNMMDNNPAARLEELRTIMKKNKIDVYILINSDEHNSEIINEKDKKIVKITNYSGADGILIVTKDKPILYVNALY
ELQAMNELDQNLFTLRISRIDNRDEIFETISSLEFNTIAFDGKNTSVVFYEKLRKALLNAYPKKKIVEKIIYNNNFDDVN
KKDDENVLNFLVLEKSLVEIKDYPVNNKTLYIHDRKYNGACAGEKIDKLKQSLMYDIKNVDNLLLSELDEIAYLLNLRGY
DYQYSPLFYSYLLFQFDREEQDFSKIVFFTTVKNLPADVKNLLEINKVIVKEYEEIVPYLRDVVIPSIPKHNDDNPDFKK
YDISLSPYINLMIYKLFDRKNVLLQNSPVVKMKAVKNDVEIDNMKQAHILDGLALLQFFHWCEQKRKTKELFNETEMSLR
HKVDYFRSTKKNFIFPSFSTISASGPNAAVIHYECTDKTNATIKPAIYLLDSGGQYLHGTTDVTRTTHFGEPTAEEKRIY
TLVLKGHLRLRKVIFASYTNSSALDFIARENLFNNFMDYNHGTGHGVGLTLNVHEGGCSIGPVGGAPLKKNMVLSNEPGY
YMKDKFGVRIENMQYVISKEITDTTEYLSFDDLTMYPYEKKLLDFSLLTNQEIKELNEYHTTIRNTLLPLVKQSPQEYGE
SVEKYLIEITEPIAIHNNHHHHHH
;
A,B
2 'polypeptide(L)' (01B)PPA(NH2) F
#
loop_
_chem_comp.id
_chem_comp.type
_chem_comp.name
_chem_comp.formula
01B peptide-like '(2S,3R)-3-amino-2-hydroxy-4-phenylbutanoic acid' 'C10 H13 N O3'
MN non-polymer 'MANGANESE (II) ION' 'Mn 2'
NH2 non-polymer 'AMINO GROUP' 'H2 N'
PO4 non-polymer 'PHOSPHATE ION' 'O4 P -3'
#
# COMPACT_ATOMS: atom_id res chain seq x y z
N ASP A 10 -45.87 -9.09 -11.13
CA ASP A 10 -44.45 -9.43 -11.04
C ASP A 10 -43.71 -8.50 -10.10
N ASN A 11 -44.43 -8.03 -9.06
CA ASN A 11 -43.90 -7.06 -8.11
C ASN A 11 -43.36 -5.83 -8.83
N ASN A 12 -44.16 -5.23 -9.70
CA ASN A 12 -43.71 -4.16 -10.59
C ASN A 12 -43.08 -2.91 -9.91
N PRO A 13 -41.81 -2.61 -10.27
CA PRO A 13 -40.97 -1.41 -10.02
C PRO A 13 -41.45 -0.11 -10.66
N ALA A 14 -41.89 -0.15 -11.91
CA ALA A 14 -42.39 1.08 -12.54
C ALA A 14 -43.53 1.60 -11.71
N ALA A 15 -44.31 0.64 -11.22
CA ALA A 15 -45.36 0.88 -10.26
C ALA A 15 -44.82 1.46 -8.95
N ARG A 16 -43.85 0.78 -8.35
CA ARG A 16 -43.31 1.23 -7.07
C ARG A 16 -42.50 2.52 -7.22
N LEU A 17 -41.89 2.71 -8.38
CA LEU A 17 -41.15 3.94 -8.67
C LEU A 17 -42.09 5.12 -8.87
N GLU A 18 -43.07 4.96 -9.76
CA GLU A 18 -44.05 6.01 -10.01
C GLU A 18 -44.82 6.30 -8.73
N GLU A 19 -44.89 5.31 -7.84
CA GLU A 19 -45.46 5.48 -6.52
C GLU A 19 -44.56 6.31 -5.62
N LEU A 20 -43.27 5.97 -5.63
CA LEU A 20 -42.27 6.68 -4.81
C LEU A 20 -42.20 8.15 -5.19
N ARG A 21 -42.19 8.42 -6.49
CA ARG A 21 -42.06 9.78 -7.01
C ARG A 21 -43.14 10.71 -6.46
N THR A 22 -44.25 10.13 -6.03
CA THR A 22 -45.34 10.87 -5.40
C THR A 22 -45.03 11.16 -3.93
N ILE A 23 -44.46 10.19 -3.24
CA ILE A 23 -44.11 10.35 -1.83
C ILE A 23 -42.94 11.32 -1.67
N MET A 24 -42.07 11.35 -2.66
CA MET A 24 -41.03 12.36 -2.68
C MET A 24 -41.65 13.74 -2.88
N LYS A 25 -42.72 13.77 -3.67
CA LYS A 25 -43.38 15.01 -4.04
C LYS A 25 -44.13 15.63 -2.86
N LYS A 26 -44.87 14.82 -2.12
CA LYS A 26 -45.64 15.30 -0.97
C LYS A 26 -44.74 15.80 0.16
N ASN A 27 -43.48 15.38 0.13
CA ASN A 27 -42.49 15.80 1.13
C ASN A 27 -41.58 16.94 0.66
N LYS A 28 -41.83 17.42 -0.56
CA LYS A 28 -41.01 18.43 -1.20
C LYS A 28 -39.58 17.94 -1.35
N ILE A 29 -39.42 16.64 -1.59
CA ILE A 29 -38.10 16.03 -1.70
C ILE A 29 -37.70 15.78 -3.15
N ASP A 30 -36.74 16.56 -3.63
CA ASP A 30 -36.36 16.53 -5.04
C ASP A 30 -35.54 15.29 -5.44
N VAL A 31 -34.43 15.04 -4.75
CA VAL A 31 -33.51 13.95 -5.10
C VAL A 31 -33.24 13.00 -3.91
N TYR A 32 -33.42 11.70 -4.14
CA TYR A 32 -33.41 10.70 -3.07
C TYR A 32 -32.39 9.61 -3.35
N ILE A 33 -31.47 9.40 -2.43
CA ILE A 33 -30.43 8.40 -2.64
C ILE A 33 -30.71 7.14 -1.81
N LEU A 34 -30.82 6.02 -2.50
CA LEU A 34 -31.04 4.72 -1.87
C LEU A 34 -29.82 3.84 -2.02
N ILE A 35 -29.32 3.30 -0.91
CA ILE A 35 -28.09 2.49 -0.91
C ILE A 35 -28.31 1.14 -0.22
N ASN A 36 -27.61 0.11 -0.68
CA ASN A 36 -27.74 -1.20 -0.09
C ASN A 36 -26.71 -1.38 1.01
N SER A 37 -27.20 -1.34 2.25
CA SER A 37 -26.35 -1.45 3.43
C SER A 37 -27.25 -1.34 4.63
N ASP A 38 -26.68 -1.50 5.81
CA ASP A 38 -27.47 -1.31 7.02
C ASP A 38 -26.72 -0.37 7.95
N GLU A 39 -27.27 -0.15 9.13
CA GLU A 39 -26.70 0.82 10.06
C GLU A 39 -25.46 0.28 10.78
N HIS A 40 -25.13 -0.99 10.55
CA HIS A 40 -23.86 -1.56 11.03
C HIS A 40 -22.76 -1.77 9.99
N ASN A 41 -22.98 -1.29 8.77
CA ASN A 41 -21.99 -1.41 7.71
C ASN A 41 -21.68 -2.89 7.44
N SER A 42 -22.69 -3.74 7.61
CA SER A 42 -22.56 -5.17 7.35
C SER A 42 -22.36 -5.41 5.87
N GLU A 43 -21.46 -6.32 5.53
CA GLU A 43 -21.31 -6.73 4.14
C GLU A 43 -22.56 -7.39 3.60
N ILE A 44 -23.15 -8.26 4.40
CA ILE A 44 -24.39 -8.95 4.05
C ILE A 44 -25.54 -8.37 4.85
N ILE A 45 -26.56 -7.87 4.16
CA ILE A 45 -27.65 -7.17 4.81
C ILE A 45 -28.86 -8.09 4.88
N ASN A 46 -29.69 -7.87 5.88
CA ASN A 46 -30.92 -8.63 6.00
C ASN A 46 -32.00 -8.07 5.09
N GLU A 47 -33.13 -8.75 5.01
CA GLU A 47 -34.07 -8.43 3.96
C GLU A 47 -34.70 -7.07 4.23
N LYS A 48 -35.00 -6.80 5.50
CA LYS A 48 -35.62 -5.55 5.90
C LYS A 48 -34.83 -4.35 5.43
N ASP A 49 -33.54 -4.55 5.18
CA ASP A 49 -32.69 -3.47 4.72
C ASP A 49 -32.55 -3.44 3.21
N LYS A 50 -33.13 -4.39 2.49
CA LYS A 50 -32.99 -4.31 1.05
C LYS A 50 -34.18 -3.54 0.53
N LYS A 51 -33.96 -2.26 0.30
CA LYS A 51 -34.96 -1.40 -0.31
C LYS A 51 -34.81 -1.34 -1.83
N ILE A 52 -33.57 -1.31 -2.30
CA ILE A 52 -33.26 -1.10 -3.71
C ILE A 52 -33.95 -2.13 -4.62
N VAL A 53 -33.98 -3.37 -4.18
CA VAL A 53 -34.51 -4.46 -5.01
C VAL A 53 -36.01 -4.33 -5.26
N LYS A 54 -36.76 -3.90 -4.24
CA LYS A 54 -38.20 -3.78 -4.37
C LYS A 54 -38.58 -2.74 -5.44
N ILE A 55 -37.76 -1.69 -5.54
CA ILE A 55 -37.91 -0.66 -6.57
C ILE A 55 -37.25 -0.95 -7.95
N THR A 56 -36.09 -1.59 -8.00
CA THR A 56 -35.48 -1.87 -9.31
C THR A 56 -35.54 -3.32 -9.87
N ASN A 57 -36.08 -4.26 -9.10
CA ASN A 57 -35.82 -5.72 -9.30
C ASN A 57 -34.35 -6.09 -9.48
N TYR A 58 -33.45 -5.35 -8.87
CA TYR A 58 -32.09 -5.77 -8.95
C TYR A 58 -31.73 -6.25 -7.55
N SER A 59 -31.38 -7.53 -7.45
CA SER A 59 -31.18 -8.13 -6.14
C SER A 59 -29.71 -8.16 -5.74
N GLY A 60 -28.84 -7.66 -6.61
CA GLY A 60 -27.42 -7.60 -6.30
C GLY A 60 -27.13 -6.78 -5.05
N ALA A 61 -26.08 -7.16 -4.32
CA ALA A 61 -25.85 -6.62 -2.97
C ALA A 61 -25.26 -5.20 -2.95
N ASP A 62 -24.36 -4.92 -3.90
CA ASP A 62 -23.73 -3.61 -4.01
C ASP A 62 -24.51 -2.74 -5.00
N GLY A 63 -25.16 -1.68 -4.51
CA GLY A 63 -25.78 -0.72 -5.42
C GLY A 63 -26.31 0.55 -4.79
N ILE A 64 -26.35 1.62 -5.58
CA ILE A 64 -26.85 2.91 -5.09
C ILE A 64 -27.86 3.50 -6.06
N LEU A 65 -28.97 4.01 -5.53
CA LEU A 65 -30.07 4.47 -6.37
C LEU A 65 -30.41 5.94 -6.19
N ILE A 66 -30.10 6.75 -7.20
CA ILE A 66 -30.48 8.14 -7.23
C ILE A 66 -31.86 8.24 -7.86
N VAL A 67 -32.83 8.76 -7.12
CA VAL A 67 -34.19 8.86 -7.63
C VAL A 67 -34.62 10.31 -7.86
N THR A 68 -34.76 10.70 -9.12
CA THR A 68 -35.04 12.10 -9.46
C THR A 68 -36.30 12.25 -10.31
N LYS A 69 -36.56 13.48 -10.76
CA LYS A 69 -37.65 13.74 -11.69
C LYS A 69 -37.35 13.10 -13.04
N ASP A 70 -36.12 13.24 -13.49
CA ASP A 70 -35.65 12.56 -14.69
C ASP A 70 -35.39 11.08 -14.40
N LYS A 71 -34.85 10.36 -15.38
CA LYS A 71 -34.70 8.92 -15.31
C LYS A 71 -33.69 8.50 -14.22
N PRO A 72 -34.16 7.73 -13.22
CA PRO A 72 -33.37 7.23 -12.09
C PRO A 72 -32.08 6.52 -12.53
N ILE A 73 -31.04 6.66 -11.73
CA ILE A 73 -29.75 6.06 -12.04
C ILE A 73 -29.34 5.09 -10.95
N LEU A 74 -28.90 3.91 -11.36
CA LEU A 74 -28.38 2.91 -10.43
C LEU A 74 -26.91 2.63 -10.71
N TYR A 75 -26.08 2.94 -9.72
CA TYR A 75 -24.68 2.53 -9.71
C TYR A 75 -24.56 1.15 -9.09
N VAL A 76 -23.70 0.31 -9.67
CA VAL A 76 -23.31 -0.96 -9.04
C VAL A 76 -21.82 -1.17 -9.28
N ASN A 77 -21.22 -2.04 -8.47
CA ASN A 77 -19.82 -2.39 -8.61
C ASN A 77 -19.58 -3.15 -9.90
N ALA A 78 -18.33 -3.20 -10.36
CA ALA A 78 -17.99 -3.90 -11.59
C ALA A 78 -18.28 -5.41 -11.53
N LEU A 79 -18.16 -6.01 -10.36
CA LEU A 79 -18.34 -7.47 -10.22
C LEU A 79 -19.81 -7.87 -10.36
N TYR A 80 -20.71 -6.92 -10.14
CA TYR A 80 -22.15 -7.19 -10.20
C TYR A 80 -22.80 -6.77 -11.52
N GLU A 81 -21.99 -6.27 -12.46
CA GLU A 81 -22.53 -5.66 -13.67
C GLU A 81 -23.30 -6.65 -14.54
N LEU A 82 -22.69 -7.79 -14.86
CA LEU A 82 -23.34 -8.77 -15.73
C LEU A 82 -24.64 -9.29 -15.10
N GLN A 83 -24.77 -9.19 -13.79
CA GLN A 83 -26.01 -9.54 -13.12
C GLN A 83 -27.03 -8.40 -13.18
N ALA A 84 -26.56 -7.16 -13.25
CA ALA A 84 -27.45 -6.00 -13.26
C ALA A 84 -28.09 -5.82 -14.63
N MET A 85 -27.34 -6.14 -15.68
CA MET A 85 -27.87 -6.07 -17.04
C MET A 85 -28.96 -7.12 -17.18
N ASN A 86 -28.70 -8.29 -16.61
CA ASN A 86 -29.64 -9.41 -16.66
C ASN A 86 -30.86 -9.22 -15.76
N GLU A 87 -30.71 -8.35 -14.76
CA GLU A 87 -31.78 -8.13 -13.78
C GLU A 87 -32.51 -6.83 -14.04
N LEU A 88 -31.78 -5.73 -13.96
CA LEU A 88 -32.35 -4.39 -14.11
C LEU A 88 -32.84 -4.12 -15.52
N ASP A 89 -34.12 -3.73 -15.64
CA ASP A 89 -34.69 -3.28 -16.91
C ASP A 89 -34.13 -1.89 -17.16
N GLN A 90 -33.54 -1.69 -18.34
CA GLN A 90 -32.81 -0.46 -18.62
C GLN A 90 -33.65 0.58 -19.36
N ASN A 91 -34.92 0.27 -19.63
CA ASN A 91 -35.85 1.27 -20.15
C ASN A 91 -36.40 2.15 -19.04
N LEU A 92 -36.61 1.55 -17.88
CA LEU A 92 -37.10 2.26 -16.70
C LEU A 92 -35.99 2.98 -15.94
N PHE A 93 -34.83 2.35 -15.83
CA PHE A 93 -33.73 2.88 -15.02
C PHE A 93 -32.42 3.03 -15.79
N THR A 94 -31.71 4.12 -15.55
CA THR A 94 -30.41 4.33 -16.18
C THR A 94 -29.35 3.51 -15.45
N LEU A 95 -28.70 2.62 -16.20
CA LEU A 95 -27.68 1.74 -15.61
C LEU A 95 -26.29 2.34 -15.74
N ARG A 96 -25.46 2.15 -14.72
CA ARG A 96 -24.09 2.61 -14.74
C ARG A 96 -23.21 1.74 -13.84
N ILE A 97 -21.94 1.58 -14.23
CA ILE A 97 -21.02 0.77 -13.46
C ILE A 97 -20.04 1.63 -12.68
N SER A 98 -19.71 1.18 -11.47
CA SER A 98 -18.61 1.75 -10.72
C SER A 98 -17.39 0.85 -10.85
N ARG A 99 -16.25 1.46 -11.11
CA ARG A 99 -14.99 0.74 -11.22
C ARG A 99 -13.92 1.46 -10.41
N ILE A 100 -12.77 0.82 -10.20
CA ILE A 100 -11.67 1.49 -9.54
C ILE A 100 -11.29 2.77 -10.28
N ASP A 101 -11.59 2.78 -11.58
CA ASP A 101 -11.42 3.95 -12.44
C ASP A 101 -12.29 5.13 -12.02
N ASN A 102 -13.59 4.86 -11.95
CA ASN A 102 -14.62 5.89 -11.96
C ASN A 102 -15.15 6.31 -10.60
N ARG A 103 -14.56 5.79 -9.52
CA ARG A 103 -15.24 5.66 -8.23
C ARG A 103 -16.07 6.86 -7.82
N ASP A 104 -15.53 8.06 -8.03
CA ASP A 104 -16.18 9.26 -7.56
C ASP A 104 -17.24 9.79 -8.53
N GLU A 105 -17.42 9.08 -9.65
CA GLU A 105 -18.35 9.47 -10.70
C GLU A 105 -19.74 9.79 -10.17
N ILE A 106 -20.15 9.02 -9.16
CA ILE A 106 -21.48 9.15 -8.59
C ILE A 106 -21.59 10.49 -7.86
N PHE A 107 -20.49 10.91 -7.25
CA PHE A 107 -20.42 12.20 -6.58
C PHE A 107 -20.50 13.32 -7.61
N GLU A 108 -19.72 13.17 -8.69
CA GLU A 108 -19.82 14.08 -9.82
C GLU A 108 -21.25 14.14 -10.36
N THR A 109 -21.87 12.97 -10.53
CA THR A 109 -23.22 12.86 -11.09
C THR A 109 -24.26 13.67 -10.32
N ILE A 110 -24.38 13.37 -9.03
CA ILE A 110 -25.41 13.94 -8.18
C ILE A 110 -25.15 15.41 -7.94
N SER A 111 -23.91 15.83 -8.19
CA SER A 111 -23.56 17.23 -8.24
C SER A 111 -24.15 17.89 -9.49
N SER A 112 -24.48 17.08 -10.49
CA SER A 112 -24.88 17.58 -11.79
C SER A 112 -26.38 17.75 -11.93
N LEU A 113 -27.14 17.53 -10.86
CA LEU A 113 -28.59 17.72 -10.90
C LEU A 113 -29.05 18.77 -9.90
N PHE A 115 -31.06 20.57 -8.27
CA PHE A 115 -32.07 20.07 -7.34
C PHE A 115 -31.79 20.54 -5.91
N ASN A 116 -32.73 21.27 -5.33
CA ASN A 116 -32.52 21.94 -4.05
C ASN A 116 -32.98 21.17 -2.80
N THR A 117 -33.55 19.99 -2.97
CA THR A 117 -33.92 19.17 -1.80
C THR A 117 -33.44 17.73 -1.96
N ILE A 118 -32.55 17.28 -1.07
CA ILE A 118 -32.02 15.92 -1.13
C ILE A 118 -32.21 15.15 0.19
N ALA A 119 -32.46 13.85 0.07
CA ALA A 119 -32.76 13.01 1.23
C ALA A 119 -31.89 11.76 1.26
N PHE A 120 -31.64 11.27 2.47
CA PHE A 120 -30.84 10.07 2.71
C PHE A 120 -31.43 9.25 3.83
N ASP A 121 -31.34 7.92 3.72
CA ASP A 121 -31.69 7.08 4.84
C ASP A 121 -30.57 7.21 5.87
N GLY A 122 -30.92 7.70 7.05
CA GLY A 122 -29.93 7.96 8.07
C GLY A 122 -29.35 6.66 8.60
N LYS A 123 -30.16 5.61 8.53
CA LYS A 123 -29.75 4.31 9.00
C LYS A 123 -28.87 3.61 7.97
N ASN A 124 -29.17 3.80 6.69
CA ASN A 124 -28.48 3.04 5.63
C ASN A 124 -27.31 3.73 4.94
N THR A 125 -26.93 4.91 5.40
CA THR A 125 -25.83 5.65 4.76
C THR A 125 -24.62 5.79 5.68
N SER A 126 -23.42 5.53 5.16
CA SER A 126 -22.21 5.79 5.92
C SER A 126 -21.90 7.28 5.93
N VAL A 127 -21.14 7.74 6.93
CA VAL A 127 -20.75 9.15 6.98
C VAL A 127 -19.76 9.45 5.87
N VAL A 128 -19.02 8.42 5.46
CA VAL A 128 -18.05 8.55 4.40
C VAL A 128 -18.72 8.99 3.08
N PHE A 129 -19.78 8.30 2.70
CA PHE A 129 -20.49 8.62 1.47
C PHE A 129 -21.04 10.03 1.55
N TYR A 130 -21.67 10.32 2.67
CA TYR A 130 -22.30 11.60 2.91
C TYR A 130 -21.36 12.78 2.79
N GLU A 131 -20.21 12.67 3.46
CA GLU A 131 -19.27 13.78 3.50
C GLU A 131 -18.66 14.02 2.14
N LYS A 132 -18.35 12.93 1.43
CA LYS A 132 -17.75 13.06 0.11
C LYS A 132 -18.75 13.72 -0.82
N LEU A 133 -20.02 13.38 -0.64
CA LEU A 133 -21.03 14.07 -1.40
C LEU A 133 -21.13 15.52 -0.96
N ARG A 134 -21.29 15.75 0.34
CA ARG A 134 -21.49 17.11 0.81
C ARG A 134 -20.33 18.02 0.41
N LYS A 135 -19.12 17.47 0.44
CA LYS A 135 -17.93 18.22 0.04
C LYS A 135 -17.75 18.22 -1.47
N ALA A 136 -18.60 17.48 -2.17
CA ALA A 136 -18.66 17.60 -3.62
C ALA A 136 -19.51 18.80 -3.97
N LEU A 137 -20.52 19.07 -3.14
CA LEU A 137 -21.44 20.16 -3.42
C LEU A 137 -20.98 21.48 -2.81
N LEU A 138 -19.92 21.44 -2.01
CA LEU A 138 -19.34 22.66 -1.49
C LEU A 138 -18.57 23.33 -2.60
N ASN A 139 -17.77 22.53 -3.30
CA ASN A 139 -16.98 23.05 -4.41
C ASN A 139 -17.73 23.02 -5.73
N ALA A 140 -18.87 22.34 -5.76
CA ALA A 140 -19.74 22.42 -6.93
C ALA A 140 -20.40 23.79 -6.99
N TYR A 141 -21.14 24.13 -5.93
CA TYR A 141 -21.92 25.35 -5.90
C TYR A 141 -21.56 26.16 -4.66
N PRO A 142 -20.42 26.88 -4.72
CA PRO A 142 -19.93 27.68 -3.58
C PRO A 142 -20.95 28.73 -3.12
N LYS A 143 -21.87 29.11 -4.00
CA LYS A 143 -22.88 30.11 -3.68
C LYS A 143 -24.00 29.55 -2.80
N LYS A 144 -24.28 28.26 -2.96
CA LYS A 144 -25.40 27.64 -2.25
C LYS A 144 -25.04 27.27 -0.81
N LYS A 145 -25.97 27.51 0.10
CA LYS A 145 -25.78 27.15 1.51
C LYS A 145 -26.46 25.82 1.84
N ILE A 146 -25.72 24.93 2.48
CA ILE A 146 -26.23 23.60 2.80
C ILE A 146 -26.84 23.51 4.20
N VAL A 147 -28.15 23.29 4.25
CA VAL A 147 -28.83 23.13 5.53
C VAL A 147 -29.18 21.66 5.80
N GLU A 148 -28.47 21.06 6.74
CA GLU A 148 -28.65 19.65 7.05
C GLU A 148 -29.73 19.48 8.13
N LYS A 149 -30.64 18.53 7.93
CA LYS A 149 -31.71 18.31 8.89
C LYS A 149 -32.04 16.83 9.10
N ILE A 150 -32.25 16.46 10.36
CA ILE A 150 -32.74 15.13 10.71
C ILE A 150 -34.26 15.14 10.76
N ILE A 151 -34.89 14.34 9.91
CA ILE A 151 -36.35 14.33 9.84
C ILE A 151 -36.93 13.30 10.81
N TYR A 152 -37.59 13.78 11.86
CA TYR A 152 -38.17 12.89 12.84
C TYR A 152 -39.70 12.73 12.64
N ASN A 153 -40.14 11.48 12.73
CA ASN A 153 -41.54 11.03 12.60
C ASN A 153 -42.33 11.64 11.44
N ASN A 154 -41.74 11.60 10.24
CA ASN A 154 -42.35 12.07 9.00
C ASN A 154 -42.89 13.50 9.07
N ASN A 155 -42.33 14.32 9.95
CA ASN A 155 -42.76 15.70 9.96
C ASN A 155 -41.72 16.51 9.20
N PHE A 156 -42.12 16.90 7.99
CA PHE A 156 -41.27 17.65 7.08
C PHE A 156 -41.66 19.12 7.13
N ASP A 157 -42.63 19.43 7.98
CA ASP A 157 -43.26 20.74 7.98
C ASP A 157 -42.37 21.80 8.63
N ASP A 158 -41.23 21.38 9.16
CA ASP A 158 -40.27 22.29 9.77
C ASP A 158 -39.18 22.73 8.79
N VAL A 159 -39.30 22.30 7.53
CA VAL A 159 -38.33 22.67 6.51
C VAL A 159 -38.95 23.63 5.49
N LEU A 168 -29.39 24.71 -0.04
CA LEU A 168 -29.34 23.28 -0.29
C LEU A 168 -29.75 22.51 0.97
N ASN A 169 -30.92 21.87 0.92
CA ASN A 169 -31.38 21.09 2.07
C ASN A 169 -30.92 19.64 1.99
N PHE A 170 -30.00 19.28 2.89
CA PHE A 170 -29.59 17.89 3.07
C PHE A 170 -30.44 17.27 4.16
N LEU A 171 -31.20 16.25 3.82
CA LEU A 171 -32.13 15.71 4.81
C LEU A 171 -31.75 14.29 5.17
N VAL A 172 -31.40 14.09 6.44
CA VAL A 172 -31.17 12.78 6.99
C VAL A 172 -32.51 12.23 7.46
N LEU A 173 -32.95 11.12 6.89
CA LEU A 173 -34.25 10.56 7.22
C LEU A 173 -34.17 9.54 8.35
N GLU A 174 -34.98 9.73 9.39
CA GLU A 174 -34.99 8.80 10.53
C GLU A 174 -35.52 7.46 10.03
N LYS A 175 -36.60 7.48 9.26
CA LYS A 175 -37.12 6.24 8.73
C LYS A 175 -37.22 6.37 7.23
N SER A 176 -37.00 5.23 6.60
CA SER A 176 -36.95 5.15 5.18
C SER A 176 -38.32 5.48 4.61
N LEU A 177 -38.32 5.91 3.36
CA LEU A 177 -39.56 6.13 2.64
C LEU A 177 -40.00 4.80 2.04
N VAL A 178 -39.09 3.83 2.03
CA VAL A 178 -39.42 2.47 1.65
C VAL A 178 -39.44 1.57 2.88
N GLU A 179 -40.63 1.14 3.29
CA GLU A 179 -40.78 0.28 4.46
C GLU A 179 -41.12 -1.14 4.03
N ILE A 180 -40.66 -2.14 4.78
CA ILE A 180 -40.89 -3.53 4.42
C ILE A 180 -41.59 -4.29 5.53
N TYR A 183 -41.09 -9.31 6.31
CA TYR A 183 -39.79 -9.96 6.50
C TYR A 183 -39.76 -10.68 7.86
N PRO A 184 -38.98 -11.77 7.96
CA PRO A 184 -38.91 -12.59 9.17
C PRO A 184 -38.19 -11.94 10.35
N VAL A 185 -38.69 -12.20 11.55
CA VAL A 185 -38.07 -11.71 12.78
C VAL A 185 -37.28 -12.83 13.44
N ASN A 186 -36.15 -12.50 14.04
CA ASN A 186 -35.38 -13.51 14.77
C ASN A 186 -35.65 -13.51 16.27
N ASN A 187 -36.21 -14.60 16.77
CA ASN A 187 -36.48 -14.72 18.20
C ASN A 187 -35.42 -15.52 18.98
N LYS A 188 -34.47 -16.12 18.27
CA LYS A 188 -33.48 -16.97 18.93
C LYS A 188 -32.55 -16.16 19.85
N THR A 189 -32.22 -16.75 20.99
CA THR A 189 -31.50 -16.08 22.05
C THR A 189 -29.99 -16.01 21.85
N LEU A 190 -29.37 -15.00 22.46
CA LEU A 190 -27.92 -14.89 22.50
C LEU A 190 -27.31 -16.01 23.32
N TYR A 191 -26.09 -16.42 22.96
CA TYR A 191 -25.38 -17.40 23.79
C TYR A 191 -23.96 -16.95 24.05
N ILE A 192 -23.40 -17.45 25.15
CA ILE A 192 -22.04 -17.13 25.55
C ILE A 192 -21.08 -17.92 24.65
N HIS A 193 -19.99 -17.26 24.23
CA HIS A 193 -18.93 -17.96 23.51
C HIS A 193 -17.94 -18.35 24.58
N ASP A 194 -17.86 -19.65 24.83
CA ASP A 194 -17.13 -20.17 25.98
C ASP A 194 -15.63 -19.84 25.82
N ARG A 195 -15.01 -19.50 26.96
CA ARG A 195 -13.60 -19.20 27.01
C ARG A 195 -12.73 -20.28 26.37
N LYS A 196 -13.19 -21.52 26.43
CA LYS A 196 -12.44 -22.62 25.84
C LYS A 196 -12.25 -22.40 24.33
N TYR A 197 -13.19 -21.72 23.69
CA TYR A 197 -13.03 -21.36 22.28
C TYR A 197 -12.28 -20.03 22.04
N ASN A 198 -12.56 -19.01 22.84
CA ASN A 198 -12.05 -17.66 22.56
C ASN A 198 -10.77 -17.28 23.31
N GLY A 199 -10.40 -18.11 24.28
CA GLY A 199 -9.13 -17.96 24.97
C GLY A 199 -9.02 -16.81 25.94
N ALA A 200 -10.00 -15.90 25.96
CA ALA A 200 -9.95 -14.77 26.88
C ALA A 200 -11.34 -14.32 27.32
N CYS A 201 -11.45 -13.99 28.60
CA CYS A 201 -12.70 -13.53 29.19
C CYS A 201 -13.12 -12.16 28.65
N ALA A 202 -14.42 -11.90 28.67
CA ALA A 202 -14.96 -10.59 28.31
C ALA A 202 -14.37 -9.50 29.21
N GLY A 203 -14.20 -9.83 30.49
CA GLY A 203 -13.61 -8.90 31.45
C GLY A 203 -12.20 -8.50 31.09
N GLU A 204 -11.41 -9.47 30.64
CA GLU A 204 -10.03 -9.18 30.25
C GLU A 204 -10.01 -8.24 29.05
N LYS A 205 -10.82 -8.54 28.03
CA LYS A 205 -10.92 -7.71 26.83
C LYS A 205 -11.36 -6.29 27.13
N ILE A 206 -12.35 -6.13 28.01
CA ILE A 206 -12.81 -4.82 28.43
C ILE A 206 -11.72 -4.08 29.22
N ASP A 207 -10.91 -4.82 29.98
CA ASP A 207 -9.76 -4.22 30.67
C ASP A 207 -8.67 -3.76 29.69
N LYS A 208 -8.52 -4.46 28.56
CA LYS A 208 -7.57 -4.04 27.54
C LYS A 208 -8.06 -2.77 26.84
N LEU A 209 -9.35 -2.74 26.51
CA LEU A 209 -9.96 -1.55 25.92
C LEU A 209 -9.80 -0.35 26.86
N LYS A 210 -9.87 -0.63 28.16
CA LYS A 210 -9.66 0.40 29.15
C LYS A 210 -8.25 0.96 29.05
N GLN A 211 -7.26 0.08 28.92
CA GLN A 211 -5.87 0.51 28.79
C GLN A 211 -5.66 1.40 27.56
N SER A 212 -6.28 1.06 26.44
CA SER A 212 -6.26 1.90 25.25
C SER A 212 -6.72 3.32 25.52
N LEU A 213 -7.78 3.49 26.29
CA LEU A 213 -8.29 4.82 26.55
C LEU A 213 -7.35 5.64 27.44
N MET A 214 -6.54 4.99 28.26
CA MET A 214 -5.59 5.73 29.09
C MET A 214 -4.39 6.22 28.30
N TYR A 215 -3.82 5.34 27.50
CA TYR A 215 -2.54 5.58 26.83
C TYR A 215 -2.71 6.13 25.41
N ASP A 216 -3.39 5.36 24.57
CA ASP A 216 -3.58 5.72 23.17
C ASP A 216 -4.55 6.88 22.95
N ILE A 217 -5.82 6.69 23.28
CA ILE A 217 -6.78 7.73 22.95
C ILE A 217 -7.02 8.57 24.18
N LYS A 218 -6.35 9.71 24.22
CA LYS A 218 -6.47 10.66 25.30
C LYS A 218 -7.26 11.90 24.92
N ASN A 219 -7.66 12.00 23.66
CA ASN A 219 -8.45 13.14 23.21
C ASN A 219 -9.95 12.87 23.14
N VAL A 220 -10.35 11.68 23.59
CA VAL A 220 -11.77 11.31 23.70
C VAL A 220 -12.06 10.51 24.95
N ASP A 221 -13.13 10.86 25.67
CA ASP A 221 -13.65 10.01 26.72
C ASP A 221 -14.92 9.22 26.36
N ASN A 222 -15.45 9.37 25.15
CA ASN A 222 -16.64 8.62 24.73
C ASN A 222 -16.46 7.82 23.44
N LEU A 223 -16.70 6.52 23.52
CA LEU A 223 -16.56 5.62 22.39
C LEU A 223 -17.84 4.82 22.12
N LEU A 224 -18.34 4.88 20.89
CA LEU A 224 -19.44 4.01 20.46
C LEU A 224 -18.96 2.88 19.53
N LEU A 225 -19.20 1.63 19.93
CA LEU A 225 -18.96 0.49 19.03
C LEU A 225 -20.24 0.21 18.24
N SER A 226 -20.17 0.43 16.94
CA SER A 226 -21.23 0.09 16.01
C SER A 226 -21.02 -1.20 15.21
N GLU A 227 -19.80 -1.75 15.23
CA GLU A 227 -19.50 -2.93 14.41
C GLU A 227 -19.83 -4.16 15.21
N LEU A 228 -20.63 -5.02 14.62
CA LEU A 228 -21.29 -6.06 15.41
C LEU A 228 -20.26 -7.09 15.83
N ASP A 229 -19.27 -7.32 14.97
CA ASP A 229 -18.24 -8.30 15.28
C ASP A 229 -17.39 -7.83 16.46
N GLU A 230 -17.24 -6.52 16.60
CA GLU A 230 -16.43 -5.96 17.68
C GLU A 230 -17.15 -6.14 19.01
N ILE A 231 -18.47 -5.96 18.96
CA ILE A 231 -19.32 -6.07 20.15
C ILE A 231 -19.44 -7.53 20.58
N ALA A 232 -19.67 -8.42 19.63
CA ALA A 232 -19.71 -9.84 19.94
C ALA A 232 -18.37 -10.31 20.52
N TYR A 233 -17.27 -9.99 19.83
CA TYR A 233 -15.92 -10.38 20.26
C TYR A 233 -15.62 -9.93 21.69
N LEU A 234 -15.93 -8.68 22.00
CA LEU A 234 -15.60 -8.10 23.30
C LEU A 234 -16.44 -8.69 24.44
N LEU A 235 -17.70 -9.00 24.15
CA LEU A 235 -18.59 -9.54 25.18
C LEU A 235 -18.66 -11.06 25.16
N ASN A 236 -17.89 -11.70 24.29
CA ASN A 236 -17.98 -13.14 24.11
C ASN A 236 -19.42 -13.62 23.97
N LEU A 237 -20.18 -12.99 23.07
CA LEU A 237 -21.55 -13.37 22.84
C LEU A 237 -21.78 -13.62 21.38
N ARG A 238 -22.68 -14.54 21.06
CA ARG A 238 -23.08 -14.71 19.67
C ARG A 238 -24.59 -14.74 19.55
N GLY A 239 -25.09 -14.58 18.33
CA GLY A 239 -26.51 -14.41 18.08
C GLY A 239 -26.97 -14.83 16.70
N TYR A 240 -28.27 -14.70 16.47
CA TYR A 240 -28.90 -15.17 15.23
C TYR A 240 -29.46 -14.12 14.27
N ASP A 241 -29.20 -12.84 14.50
CA ASP A 241 -29.75 -11.81 13.62
C ASP A 241 -29.26 -11.83 12.17
N TYR A 242 -28.17 -12.55 11.86
CA TYR A 242 -27.65 -12.63 10.48
C TYR A 242 -27.53 -14.06 10.01
N GLN A 243 -27.83 -14.28 8.75
CA GLN A 243 -27.77 -15.63 8.20
C GLN A 243 -26.34 -16.22 8.17
N TYR A 244 -25.33 -15.43 7.80
CA TYR A 244 -24.00 -15.99 7.68
C TYR A 244 -22.95 -15.68 8.76
N SER A 245 -23.27 -14.76 9.67
CA SER A 245 -22.37 -14.49 10.78
C SER A 245 -23.16 -14.55 12.05
N PRO A 246 -22.60 -15.18 13.10
CA PRO A 246 -23.37 -15.39 14.33
C PRO A 246 -23.41 -14.13 15.18
N LEU A 247 -23.84 -13.02 14.56
CA LEU A 247 -23.85 -11.73 15.23
C LEU A 247 -25.25 -11.29 15.65
N PHE A 248 -25.33 -10.18 16.36
CA PHE A 248 -26.62 -9.68 16.83
C PHE A 248 -26.65 -8.16 16.79
N TYR A 249 -27.79 -7.62 16.36
CA TYR A 249 -27.95 -6.19 16.32
C TYR A 249 -27.67 -5.61 17.69
N SER A 250 -26.71 -4.70 17.75
CA SER A 250 -26.35 -4.07 19.01
C SER A 250 -25.54 -2.78 18.82
N TYR A 251 -25.50 -1.97 19.87
CA TYR A 251 -24.52 -0.92 20.05
C TYR A 251 -23.91 -1.12 21.42
N LEU A 252 -22.64 -0.77 21.57
CA LEU A 252 -22.02 -0.77 22.89
C LEU A 252 -21.35 0.57 23.10
N LEU A 253 -21.86 1.31 24.07
CA LEU A 253 -21.38 2.65 24.35
C LEU A 253 -20.47 2.65 25.58
N PHE A 254 -19.31 3.28 25.46
CA PHE A 254 -18.41 3.39 26.60
C PHE A 254 -18.20 4.85 26.95
N GLN A 255 -18.26 5.14 28.25
CA GLN A 255 -17.94 6.48 28.72
C GLN A 255 -16.83 6.41 29.74
N PHE A 256 -15.71 7.05 29.40
CA PHE A 256 -14.51 6.92 30.18
C PHE A 256 -14.39 8.05 31.18
N ASP A 257 -13.92 7.71 32.37
CA ASP A 257 -13.59 8.72 33.36
C ASP A 257 -12.08 8.72 33.60
N ARG A 258 -11.43 9.78 33.11
CA ARG A 258 -9.98 9.90 33.16
C ARG A 258 -9.41 9.68 34.56
N GLU A 259 -9.92 10.42 35.54
CA GLU A 259 -9.40 10.32 36.89
C GLU A 259 -10.00 9.15 37.66
N GLN A 261 -9.36 6.31 36.43
CA GLN A 261 -8.87 5.78 35.16
C GLN A 261 -9.65 4.55 34.74
N ASP A 262 -10.98 4.67 34.69
CA ASP A 262 -11.84 3.54 34.41
C ASP A 262 -13.17 3.97 33.79
N PHE A 263 -14.02 2.99 33.45
CA PHE A 263 -15.27 3.25 32.74
C PHE A 263 -16.39 3.72 33.66
N SER A 264 -16.91 4.91 33.35
CA SER A 264 -18.02 5.51 34.07
C SER A 264 -19.31 4.70 33.86
N LYS A 265 -19.62 4.42 32.60
CA LYS A 265 -20.77 3.59 32.29
C LYS A 265 -20.49 2.78 31.05
N ILE A 266 -21.18 1.67 30.93
CA ILE A 266 -21.18 0.86 29.72
C ILE A 266 -22.64 0.63 29.38
N VAL A 267 -23.05 1.06 28.20
CA VAL A 267 -24.45 0.91 27.82
C VAL A 267 -24.58 -0.03 26.62
N PHE A 268 -25.32 -1.11 26.82
CA PHE A 268 -25.51 -2.13 25.81
C PHE A 268 -26.91 -2.02 25.23
N PHE A 269 -27.00 -1.67 23.96
CA PHE A 269 -28.27 -1.58 23.24
C PHE A 269 -28.40 -2.80 22.39
N THR A 270 -29.48 -3.55 22.54
CA THR A 270 -29.65 -4.77 21.78
C THR A 270 -31.12 -5.19 21.81
N THR A 271 -31.45 -6.37 21.29
CA THR A 271 -32.81 -6.85 21.39
C THR A 271 -32.95 -7.62 22.68
N VAL A 272 -33.69 -7.03 23.61
CA VAL A 272 -33.75 -7.51 24.97
C VAL A 272 -34.47 -8.86 25.06
N LYS A 273 -35.55 -9.02 24.30
CA LYS A 273 -36.28 -10.30 24.30
C LYS A 273 -35.38 -11.46 23.87
N ASN A 274 -34.31 -11.15 23.12
CA ASN A 274 -33.36 -12.17 22.69
C ASN A 274 -32.23 -12.32 23.68
N LEU A 275 -32.33 -11.62 24.82
CA LEU A 275 -31.32 -11.72 25.86
C LEU A 275 -31.72 -12.76 26.88
N PRO A 276 -30.90 -13.82 27.02
CA PRO A 276 -31.25 -14.87 27.98
C PRO A 276 -30.93 -14.43 29.40
N ALA A 277 -31.32 -15.28 30.35
CA ALA A 277 -31.35 -14.94 31.76
C ALA A 277 -29.96 -15.02 32.41
N ASP A 278 -29.20 -16.04 32.02
CA ASP A 278 -27.87 -16.26 32.56
C ASP A 278 -26.89 -15.19 32.06
N VAL A 279 -27.21 -14.59 30.91
CA VAL A 279 -26.40 -13.51 30.36
C VAL A 279 -26.73 -12.17 31.04
N LYS A 280 -27.98 -11.97 31.39
CA LYS A 280 -28.36 -10.75 32.09
C LYS A 280 -27.75 -10.64 33.50
N ASN A 281 -27.85 -11.72 34.26
CA ASN A 281 -27.25 -11.74 35.59
C ASN A 281 -25.74 -11.57 35.46
N LEU A 282 -25.16 -12.23 34.45
CA LEU A 282 -23.73 -12.09 34.18
C LEU A 282 -23.41 -10.70 33.64
N LEU A 283 -24.44 -9.93 33.33
CA LEU A 283 -24.25 -8.55 32.87
C LEU A 283 -24.37 -7.62 34.05
N GLU A 284 -24.48 -8.19 35.25
CA GLU A 284 -24.35 -7.43 36.48
C GLU A 284 -22.92 -7.54 36.99
N ILE A 285 -22.07 -8.20 36.20
CA ILE A 285 -20.67 -8.43 36.57
C ILE A 285 -19.83 -7.18 36.31
N ASN A 286 -20.13 -6.51 35.21
CA ASN A 286 -19.58 -5.19 34.94
C ASN A 286 -20.58 -4.08 35.32
N LYS A 287 -21.74 -4.50 35.85
CA LYS A 287 -22.85 -3.59 36.13
C LYS A 287 -23.25 -2.79 34.88
N VAL A 288 -23.22 -3.47 33.74
CA VAL A 288 -23.63 -2.91 32.46
C VAL A 288 -25.11 -2.53 32.44
N ILE A 289 -25.39 -1.29 32.03
CA ILE A 289 -26.76 -0.89 31.76
C ILE A 289 -27.23 -1.48 30.43
N VAL A 290 -28.38 -2.14 30.44
CA VAL A 290 -28.92 -2.75 29.22
C VAL A 290 -30.15 -2.01 28.71
N LYS A 291 -30.07 -1.46 27.51
CA LYS A 291 -31.22 -0.79 26.92
C LYS A 291 -31.72 -1.55 25.71
N GLU A 292 -32.85 -1.08 25.18
CA GLU A 292 -33.36 -1.59 23.93
C GLU A 292 -32.62 -0.95 22.77
N TYR A 293 -32.61 -1.67 21.65
CA TYR A 293 -31.83 -1.33 20.46
C TYR A 293 -32.14 0.05 19.86
N GLU A 294 -33.43 0.36 19.71
CA GLU A 294 -33.87 1.60 19.05
C GLU A 294 -33.74 2.81 19.97
N GLU A 295 -33.31 2.57 21.20
CA GLU A 295 -33.15 3.67 22.13
C GLU A 295 -31.78 4.32 22.00
N ILE A 296 -30.95 3.81 21.11
CA ILE A 296 -29.61 4.38 20.95
C ILE A 296 -29.72 5.86 20.59
N VAL A 297 -30.60 6.20 19.65
CA VAL A 297 -30.67 7.58 19.20
C VAL A 297 -31.20 8.52 20.28
N PRO A 298 -32.39 8.23 20.84
CA PRO A 298 -32.85 9.17 21.86
C PRO A 298 -31.97 9.16 23.11
N TYR A 299 -31.25 8.06 23.37
CA TYR A 299 -30.37 8.03 24.54
C TYR A 299 -29.16 8.92 24.33
N LEU A 300 -28.59 8.85 23.13
CA LEU A 300 -27.45 9.70 22.81
C LEU A 300 -27.91 11.14 22.75
N ARG A 301 -29.02 11.37 22.07
CA ARG A 301 -29.55 12.70 21.85
C ARG A 301 -29.88 13.39 23.17
N ASP A 302 -30.59 12.67 24.04
CA ASP A 302 -31.11 13.21 25.30
C ASP A 302 -30.16 13.01 26.49
N VAL A 303 -29.80 11.76 26.79
CA VAL A 303 -28.91 11.52 27.93
C VAL A 303 -27.44 11.89 27.69
N VAL A 304 -26.83 11.39 26.62
CA VAL A 304 -25.38 11.50 26.47
C VAL A 304 -24.93 12.93 26.13
N ILE A 305 -25.32 13.38 24.95
CA ILE A 305 -24.84 14.64 24.37
C ILE A 305 -25.01 15.90 25.24
N PRO A 306 -26.19 16.09 25.89
CA PRO A 306 -26.28 17.28 26.75
C PRO A 306 -25.35 17.25 27.98
N SER A 307 -24.82 16.09 28.33
CA SER A 307 -23.97 15.96 29.51
C SER A 307 -22.53 16.37 29.24
N ILE A 308 -22.14 16.39 27.98
CA ILE A 308 -20.75 16.66 27.61
C ILE A 308 -20.49 18.15 27.69
N PRO A 309 -19.53 18.55 28.54
CA PRO A 309 -19.21 19.96 28.76
C PRO A 309 -18.63 20.64 27.52
N LYS A 310 -18.83 21.95 27.41
CA LYS A 310 -18.33 22.72 26.27
C LYS A 310 -16.81 22.75 26.24
N ASP A 317 -4.50 24.35 21.29
CA ASP A 317 -3.34 23.51 20.99
C ASP A 317 -3.72 22.04 20.88
N PHE A 318 -4.35 21.52 21.92
CA PHE A 318 -4.74 20.12 21.98
C PHE A 318 -6.27 20.00 21.97
N LYS A 319 -6.80 19.33 20.96
CA LYS A 319 -8.26 19.28 20.77
C LYS A 319 -8.92 18.09 21.46
N LYS A 320 -10.03 18.37 22.13
CA LYS A 320 -10.83 17.37 22.82
C LYS A 320 -12.11 17.08 22.03
N TYR A 321 -12.35 15.81 21.73
CA TYR A 321 -13.53 15.41 20.96
C TYR A 321 -14.64 14.85 21.86
N ASP A 322 -15.89 15.04 21.46
CA ASP A 322 -17.02 14.55 22.24
C ASP A 322 -17.17 13.03 22.19
N ILE A 323 -16.99 12.45 21.02
CA ILE A 323 -17.18 11.02 20.86
C ILE A 323 -16.31 10.45 19.75
N SER A 324 -15.93 9.19 19.90
CA SER A 324 -15.20 8.46 18.87
C SER A 324 -16.09 7.43 18.20
N LEU A 325 -16.36 7.66 16.93
CA LEU A 325 -17.19 6.76 16.14
C LEU A 325 -16.35 6.00 15.12
N SER A 326 -16.77 4.77 14.81
CA SER A 326 -16.21 4.02 13.71
C SER A 326 -16.35 4.77 12.39
N PRO A 327 -15.35 4.63 11.49
CA PRO A 327 -15.29 5.33 10.20
C PRO A 327 -16.56 5.20 9.36
N TYR A 328 -17.18 4.02 9.38
CA TYR A 328 -18.40 3.77 8.61
C TYR A 328 -19.73 3.89 9.36
N ILE A 329 -19.70 4.47 10.56
CA ILE A 329 -20.89 4.69 11.39
C ILE A 329 -22.04 5.31 10.58
N ASN A 330 -23.28 4.87 10.85
CA ASN A 330 -24.40 5.39 10.08
C ASN A 330 -24.61 6.87 10.30
N LEU A 331 -25.20 7.48 9.28
CA LEU A 331 -25.44 8.91 9.20
C LEU A 331 -26.27 9.45 10.38
N MET A 332 -27.27 8.68 10.79
CA MET A 332 -28.17 9.09 11.86
C MET A 332 -27.42 9.40 13.14
N ILE A 333 -26.63 8.42 13.60
CA ILE A 333 -25.87 8.56 14.81
C ILE A 333 -24.89 9.71 14.74
N TYR A 334 -24.32 9.89 13.55
CA TYR A 334 -23.32 10.92 13.31
C TYR A 334 -23.91 12.31 13.41
N LYS A 335 -25.06 12.51 12.76
CA LYS A 335 -25.67 13.83 12.70
C LYS A 335 -26.19 14.32 14.04
N LEU A 336 -26.26 13.46 15.04
CA LEU A 336 -26.69 13.91 16.35
C LEU A 336 -25.63 14.83 16.96
N PHE A 337 -24.40 14.73 16.47
CA PHE A 337 -23.34 15.54 17.04
C PHE A 337 -22.97 16.73 16.14
N ASP A 338 -22.11 17.60 16.66
CA ASP A 338 -21.47 18.63 15.84
C ASP A 338 -20.23 17.99 15.22
N ARG A 339 -20.10 18.07 13.90
CA ARG A 339 -19.03 17.35 13.20
C ARG A 339 -17.65 17.68 13.76
N LYS A 340 -17.46 18.92 14.20
CA LYS A 340 -16.18 19.36 14.76
C LYS A 340 -15.80 18.54 15.99
N ASN A 341 -16.79 18.00 16.69
CA ASN A 341 -16.52 17.23 17.89
C ASN A 341 -16.51 15.72 17.72
N VAL A 342 -16.70 15.22 16.50
CA VAL A 342 -16.64 13.79 16.31
C VAL A 342 -15.30 13.37 15.77
N LEU A 343 -14.82 12.24 16.27
CA LEU A 343 -13.58 11.66 15.80
C LEU A 343 -13.89 10.31 15.13
N LEU A 344 -13.65 10.24 13.81
CA LEU A 344 -13.87 9.02 13.03
C LEU A 344 -12.57 8.22 12.95
N GLN A 345 -12.54 7.06 13.60
CA GLN A 345 -11.36 6.22 13.60
C GLN A 345 -11.79 4.82 14.01
N ASN A 346 -10.95 3.84 13.70
CA ASN A 346 -11.16 2.49 14.20
C ASN A 346 -11.19 2.41 15.74
N SER A 347 -12.09 1.58 16.26
CA SER A 347 -12.06 1.17 17.66
C SER A 347 -10.75 0.45 17.91
N PRO A 348 -10.23 0.51 19.16
CA PRO A 348 -9.09 -0.33 19.56
C PRO A 348 -9.40 -1.83 19.47
N VAL A 349 -10.68 -2.18 19.35
CA VAL A 349 -11.08 -3.58 19.20
C VAL A 349 -10.61 -4.14 17.85
N VAL A 350 -10.51 -3.27 16.83
CA VAL A 350 -10.08 -3.72 15.53
C VAL A 350 -8.71 -4.39 15.59
N LYS A 351 -7.73 -3.70 16.16
CA LYS A 351 -6.40 -4.29 16.31
C LYS A 351 -6.45 -5.44 17.29
N MET A 352 -7.34 -5.32 18.27
CA MET A 352 -7.48 -6.34 19.30
C MET A 352 -7.83 -7.71 18.69
N LYS A 353 -8.79 -7.74 17.76
CA LYS A 353 -9.25 -9.02 17.20
C LYS A 353 -8.36 -9.54 16.06
N ALA A 354 -7.50 -8.68 15.54
CA ALA A 354 -6.73 -9.03 14.35
C ALA A 354 -5.60 -9.96 14.73
N VAL A 355 -5.15 -9.87 15.97
CA VAL A 355 -4.14 -10.78 16.49
C VAL A 355 -4.80 -11.83 17.38
N LYS A 356 -4.87 -13.07 16.90
CA LYS A 356 -5.47 -14.17 17.65
C LYS A 356 -4.55 -14.57 18.79
N ASN A 357 -5.09 -15.02 19.91
CA ASN A 357 -4.22 -15.61 20.92
C ASN A 357 -4.05 -17.09 20.60
N ASP A 358 -3.25 -17.80 21.37
CA ASP A 358 -2.94 -19.17 20.99
C ASP A 358 -4.16 -20.10 21.08
N VAL A 359 -5.02 -19.92 22.10
CA VAL A 359 -6.24 -20.72 22.19
C VAL A 359 -7.07 -20.54 20.93
N GLU A 360 -7.23 -19.29 20.48
CA GLU A 360 -7.92 -18.99 19.24
C GLU A 360 -7.30 -19.69 18.03
N ILE A 361 -5.97 -19.64 17.94
CA ILE A 361 -5.29 -20.27 16.80
C ILE A 361 -5.56 -21.77 16.84
N ASP A 362 -5.35 -22.36 18.02
CA ASP A 362 -5.61 -23.78 18.22
C ASP A 362 -7.04 -24.14 17.85
N ASN A 363 -7.97 -23.26 18.19
CA ASN A 363 -9.36 -23.49 17.87
C ASN A 363 -9.59 -23.36 16.37
N MET A 364 -8.96 -22.36 15.76
CA MET A 364 -9.02 -22.24 14.31
C MET A 364 -8.49 -23.51 13.61
N LYS A 365 -7.50 -24.17 14.21
CA LYS A 365 -6.95 -25.37 13.59
C LYS A 365 -7.97 -26.48 13.66
N GLN A 366 -8.62 -26.62 14.81
CA GLN A 366 -9.66 -27.64 14.95
C GLN A 366 -10.82 -27.42 13.96
N ALA A 367 -11.22 -26.16 13.75
CA ALA A 367 -12.30 -25.85 12.79
C ALA A 367 -11.92 -26.22 11.36
N HIS A 368 -10.66 -25.94 11.01
CA HIS A 368 -10.17 -26.28 9.69
C HIS A 368 -9.98 -27.78 9.51
N ILE A 369 -9.60 -28.46 10.57
CA ILE A 369 -9.56 -29.91 10.53
C ILE A 369 -10.97 -30.46 10.26
N LEU A 370 -11.98 -29.91 10.93
CA LEU A 370 -13.34 -30.37 10.71
C LEU A 370 -13.77 -30.06 9.27
N ASP A 371 -13.47 -28.85 8.81
CA ASP A 371 -13.73 -28.51 7.43
C ASP A 371 -13.06 -29.41 6.41
N GLY A 372 -11.84 -29.87 6.70
CA GLY A 372 -11.12 -30.70 5.74
C GLY A 372 -11.85 -32.04 5.62
N LEU A 373 -12.23 -32.58 6.76
CA LEU A 373 -13.05 -33.79 6.79
C LEU A 373 -14.32 -33.62 5.95
N ALA A 374 -14.98 -32.46 6.05
CA ALA A 374 -16.20 -32.19 5.28
C ALA A 374 -15.94 -32.07 3.77
N LEU A 375 -14.89 -31.35 3.39
CA LEU A 375 -14.50 -31.30 1.97
C LEU A 375 -14.19 -32.67 1.41
N LEU A 376 -13.48 -33.48 2.21
CA LEU A 376 -13.12 -34.83 1.82
C LEU A 376 -14.35 -35.67 1.47
N GLN A 377 -15.36 -35.67 2.36
CA GLN A 377 -16.64 -36.32 2.07
C GLN A 377 -17.29 -35.76 0.81
N PHE A 378 -17.20 -34.45 0.63
CA PHE A 378 -17.84 -33.85 -0.53
C PHE A 378 -17.16 -34.31 -1.84
N PHE A 379 -15.85 -34.21 -1.90
CA PHE A 379 -15.18 -34.60 -3.13
C PHE A 379 -15.14 -36.10 -3.30
N HIS A 380 -15.11 -36.84 -2.21
CA HIS A 380 -15.21 -38.28 -2.30
C HIS A 380 -16.51 -38.65 -3.02
N TRP A 381 -17.59 -38.02 -2.60
CA TRP A 381 -18.93 -38.26 -3.13
C TRP A 381 -19.03 -37.84 -4.60
N CYS A 382 -18.49 -36.67 -4.92
CA CYS A 382 -18.34 -36.20 -6.30
C CYS A 382 -17.62 -37.22 -7.17
N GLU A 383 -16.43 -37.63 -6.72
CA GLU A 383 -15.62 -38.61 -7.44
C GLU A 383 -16.37 -39.90 -7.75
N GLN A 384 -17.16 -40.38 -6.78
CA GLN A 384 -17.87 -41.63 -6.96
C GLN A 384 -18.95 -41.44 -8.02
N LYS A 385 -19.59 -40.28 -7.99
CA LYS A 385 -20.66 -39.99 -8.93
C LYS A 385 -20.12 -39.60 -10.29
N ARG A 386 -18.87 -39.17 -10.30
CA ARG A 386 -18.15 -38.91 -11.53
C ARG A 386 -17.96 -40.22 -12.30
N LYS A 387 -17.59 -41.27 -11.56
CA LYS A 387 -17.43 -42.61 -12.12
C LYS A 387 -18.76 -43.16 -12.64
N THR A 388 -19.77 -43.15 -11.79
CA THR A 388 -21.10 -43.60 -12.19
C THR A 388 -21.60 -42.77 -13.36
N LYS A 389 -21.08 -41.53 -13.45
CA LYS A 389 -21.53 -40.52 -14.39
C LYS A 389 -22.87 -39.91 -13.96
N GLU A 390 -23.38 -40.34 -12.80
CA GLU A 390 -24.53 -39.65 -12.20
C GLU A 390 -24.22 -38.21 -11.82
N LEU A 391 -22.93 -37.85 -11.80
CA LEU A 391 -22.53 -36.51 -11.41
C LEU A 391 -23.00 -35.49 -12.44
N PHE A 392 -23.30 -35.96 -13.64
CA PHE A 392 -23.65 -35.06 -14.71
C PHE A 392 -25.15 -34.88 -14.88
N ASN A 393 -25.94 -35.48 -13.99
CA ASN A 393 -27.33 -35.07 -13.78
C ASN A 393 -27.49 -34.14 -12.59
N GLU A 394 -26.40 -33.95 -11.86
CA GLU A 394 -26.40 -33.04 -10.72
C GLU A 394 -26.31 -31.60 -11.20
N THR A 395 -26.67 -30.67 -10.31
CA THR A 395 -26.58 -29.25 -10.63
C THR A 395 -25.62 -28.52 -9.69
N GLU A 396 -25.40 -27.23 -9.95
CA GLU A 396 -24.59 -26.43 -9.06
C GLU A 396 -25.25 -26.32 -7.68
N MET A 397 -26.57 -26.19 -7.68
CA MET A 397 -27.36 -26.03 -6.45
C MET A 397 -27.32 -27.30 -5.60
N SER A 398 -27.52 -28.42 -6.25
CA SER A 398 -27.36 -29.74 -5.63
C SER A 398 -25.99 -29.94 -4.99
N LEU A 399 -24.93 -29.58 -5.70
CA LEU A 399 -23.58 -29.74 -5.16
C LEU A 399 -23.36 -28.80 -3.99
N ARG A 400 -23.96 -27.63 -4.08
CA ARG A 400 -23.83 -26.65 -3.01
C ARG A 400 -24.49 -27.10 -1.70
N HIS A 401 -25.65 -27.75 -1.81
CA HIS A 401 -26.35 -28.28 -0.63
C HIS A 401 -25.60 -29.46 -0.05
N LYS A 402 -24.88 -30.17 -0.90
CA LYS A 402 -24.17 -31.31 -0.39
C LYS A 402 -22.99 -30.91 0.49
N VAL A 403 -22.15 -29.97 0.03
CA VAL A 403 -21.01 -29.59 0.86
C VAL A 403 -21.51 -28.94 2.15
N ASP A 404 -22.59 -28.16 2.05
CA ASP A 404 -23.17 -27.50 3.21
C ASP A 404 -23.65 -28.58 4.16
N TYR A 405 -24.25 -29.63 3.62
CA TYR A 405 -24.68 -30.74 4.46
C TYR A 405 -23.54 -31.42 5.22
N PHE A 406 -22.42 -31.64 4.52
CA PHE A 406 -21.35 -32.43 5.10
C PHE A 406 -20.72 -31.67 6.24
N ARG A 407 -20.67 -30.36 6.10
CA ARG A 407 -20.21 -29.48 7.15
C ARG A 407 -21.16 -29.54 8.34
N SER A 408 -22.47 -29.67 8.07
CA SER A 408 -23.47 -29.57 9.15
C SER A 408 -23.42 -30.77 10.08
N THR A 409 -22.84 -31.87 9.61
CA THR A 409 -22.75 -33.08 10.43
C THR A 409 -21.52 -33.01 11.34
N LYS A 410 -20.82 -31.89 11.29
CA LYS A 410 -19.59 -31.69 12.07
C LYS A 410 -19.84 -31.08 13.46
N LYS A 411 -19.11 -31.60 14.44
CA LYS A 411 -19.18 -31.11 15.81
C LYS A 411 -18.96 -29.59 15.93
N ASN A 412 -19.88 -28.93 16.63
CA ASN A 412 -19.84 -27.48 16.93
C ASN A 412 -20.07 -26.60 15.73
N PHE A 413 -20.74 -27.14 14.72
CA PHE A 413 -21.00 -26.37 13.50
C PHE A 413 -22.23 -25.52 13.73
N ILE A 414 -22.16 -24.25 13.35
CA ILE A 414 -23.28 -23.35 13.53
C ILE A 414 -24.05 -23.22 12.22
N PHE A 415 -23.42 -22.63 11.21
CA PHE A 415 -23.99 -22.58 9.88
C PHE A 415 -22.91 -22.14 8.88
N PRO A 416 -23.22 -22.16 7.57
CA PRO A 416 -22.22 -21.70 6.60
C PRO A 416 -21.82 -20.23 6.79
N SER A 417 -20.56 -19.91 6.51
CA SER A 417 -19.99 -18.60 6.86
C SER A 417 -20.20 -17.57 5.76
N PHE A 418 -20.80 -18.00 4.65
CA PHE A 418 -21.17 -17.12 3.55
C PHE A 418 -21.86 -18.03 2.58
N SER A 419 -22.47 -17.44 1.56
CA SER A 419 -23.18 -18.23 0.57
C SER A 419 -22.22 -18.97 -0.37
N THR A 420 -22.32 -20.29 -0.40
CA THR A 420 -21.41 -21.15 -1.12
C THR A 420 -21.40 -20.88 -2.63
N ILE A 421 -20.20 -20.66 -3.16
CA ILE A 421 -20.03 -20.51 -4.60
C ILE A 421 -19.76 -21.88 -5.19
N SER A 422 -20.71 -22.33 -5.98
CA SER A 422 -20.65 -23.62 -6.62
C SER A 422 -20.80 -23.30 -8.10
N ALA A 423 -19.73 -23.46 -8.87
CA ALA A 423 -19.72 -22.97 -10.24
C ALA A 423 -19.01 -23.92 -11.19
N SER A 424 -19.77 -24.36 -12.19
CA SER A 424 -19.29 -25.27 -13.22
C SER A 424 -18.92 -24.54 -14.52
N GLY A 425 -17.78 -24.91 -15.11
CA GLY A 425 -17.40 -24.37 -16.41
C GLY A 425 -17.33 -22.86 -16.46
N PRO A 426 -18.09 -22.23 -17.37
CA PRO A 426 -18.07 -20.78 -17.60
C PRO A 426 -18.50 -19.94 -16.38
N ASN A 427 -19.42 -20.46 -15.56
CA ASN A 427 -19.84 -19.75 -14.37
C ASN A 427 -18.70 -19.55 -13.35
N ALA A 428 -17.66 -20.40 -13.44
CA ALA A 428 -16.48 -20.25 -12.59
C ALA A 428 -15.69 -18.99 -12.95
N ALA A 429 -16.01 -18.39 -14.09
CA ALA A 429 -15.38 -17.11 -14.43
C ALA A 429 -16.07 -15.95 -13.72
N VAL A 430 -17.25 -16.19 -13.14
CA VAL A 430 -17.96 -15.17 -12.38
C VAL A 430 -17.52 -15.28 -10.92
N ILE A 431 -16.79 -14.27 -10.46
CA ILE A 431 -16.09 -14.37 -9.19
C ILE A 431 -17.01 -14.69 -7.99
N HIS A 432 -18.11 -13.97 -7.91
CA HIS A 432 -19.06 -14.12 -6.81
C HIS A 432 -20.27 -14.99 -7.12
N TYR A 433 -20.19 -15.76 -8.20
CA TYR A 433 -21.33 -16.43 -8.81
C TYR A 433 -22.26 -17.14 -7.82
N GLU A 434 -23.56 -16.96 -8.01
CA GLU A 434 -24.53 -17.59 -7.12
C GLU A 434 -25.53 -18.40 -7.92
N CYS A 435 -25.50 -19.71 -7.75
CA CYS A 435 -26.59 -20.51 -8.31
C CYS A 435 -27.87 -20.19 -7.52
N THR A 436 -28.99 -20.26 -8.22
CA THR A 436 -30.30 -20.11 -7.61
C THR A 436 -31.16 -21.24 -8.15
N ASP A 437 -32.36 -21.43 -7.60
CA ASP A 437 -33.31 -22.35 -8.21
C ASP A 437 -33.55 -21.91 -9.67
N LYS A 438 -33.48 -20.60 -9.91
CA LYS A 438 -33.61 -20.02 -11.24
C LYS A 438 -32.33 -20.09 -12.08
N THR A 439 -31.20 -19.83 -11.45
CA THR A 439 -29.91 -19.61 -12.14
C THR A 439 -29.02 -20.86 -12.24
N ASN A 440 -29.57 -22.00 -11.84
CA ASN A 440 -28.88 -23.28 -11.73
C ASN A 440 -28.38 -23.94 -13.04
N ALA A 441 -27.14 -24.44 -13.04
CA ALA A 441 -26.62 -25.15 -14.22
C ALA A 441 -26.27 -26.60 -13.93
N THR A 442 -26.49 -27.47 -14.90
CA THR A 442 -26.04 -28.86 -14.81
C THR A 442 -24.52 -28.98 -14.69
N ILE A 443 -24.05 -29.85 -13.78
CA ILE A 443 -22.62 -30.11 -13.65
C ILE A 443 -22.11 -30.73 -14.92
N LYS A 444 -20.98 -30.23 -15.41
CA LYS A 444 -20.41 -30.71 -16.65
C LYS A 444 -19.03 -31.33 -16.41
N PRO A 445 -18.59 -32.16 -17.35
CA PRO A 445 -17.20 -32.63 -17.29
C PRO A 445 -16.24 -31.51 -17.66
N ALA A 446 -16.12 -30.53 -16.77
CA ALA A 446 -15.35 -29.33 -17.00
C ALA A 446 -14.77 -28.86 -15.69
N ILE A 447 -14.18 -27.67 -15.70
CA ILE A 447 -13.78 -26.97 -14.49
C ILE A 447 -14.95 -26.89 -13.51
N TYR A 448 -14.68 -27.14 -12.24
CA TYR A 448 -15.67 -26.91 -11.19
C TYR A 448 -14.99 -26.12 -10.07
N LEU A 449 -15.59 -25.01 -9.66
CA LEU A 449 -15.03 -24.17 -8.59
C LEU A 449 -15.96 -24.18 -7.35
N LEU A 450 -15.38 -24.41 -6.18
CA LEU A 450 -16.14 -24.44 -4.94
C LEU A 450 -15.48 -23.54 -3.90
N ASP A 451 -16.16 -22.45 -3.57
CA ASP A 451 -15.71 -21.52 -2.56
C ASP A 451 -16.73 -21.64 -1.42
N SER A 452 -16.31 -22.14 -0.27
CA SER A 452 -17.24 -22.43 0.80
C SER A 452 -16.56 -22.35 2.14
N GLY A 453 -17.37 -22.23 3.19
CA GLY A 453 -16.82 -22.05 4.54
C GLY A 453 -17.86 -22.24 5.60
N GLY A 454 -17.43 -22.29 6.85
CA GLY A 454 -18.39 -22.55 7.88
C GLY A 454 -18.13 -21.76 9.13
N GLN A 455 -19.17 -21.65 9.95
CA GLN A 455 -19.07 -21.05 11.25
C GLN A 455 -19.09 -22.20 12.22
N TYR A 456 -18.16 -22.17 13.15
CA TYR A 456 -18.08 -23.15 14.21
C TYR A 456 -17.86 -22.43 15.51
N LEU A 457 -18.21 -23.06 16.62
CA LEU A 457 -17.76 -22.55 17.90
C LEU A 457 -16.22 -22.41 17.90
N HIS A 458 -15.53 -23.26 17.13
CA HIS A 458 -14.06 -23.21 17.06
C HIS A 458 -13.51 -22.04 16.23
N GLY A 459 -14.31 -21.47 15.34
CA GLY A 459 -13.84 -20.40 14.46
C GLY A 459 -14.57 -20.30 13.12
N THR A 460 -14.07 -19.40 12.29
CA THR A 460 -14.63 -19.18 10.95
C THR A 460 -13.68 -19.72 9.89
N THR A 461 -14.21 -20.38 8.87
CA THR A 461 -13.36 -20.91 7.78
C THR A 461 -13.80 -20.41 6.42
N ASP A 462 -12.84 -20.27 5.52
CA ASP A 462 -13.07 -19.87 4.15
C ASP A 462 -12.09 -20.59 3.22
N VAL A 463 -12.55 -21.41 2.28
CA VAL A 463 -11.64 -22.23 1.48
C VAL A 463 -12.16 -22.36 0.06
N THR A 464 -11.28 -22.23 -0.93
CA THR A 464 -11.65 -22.55 -2.30
C THR A 464 -10.73 -23.59 -2.89
N ARG A 465 -11.32 -24.50 -3.66
CA ARG A 465 -10.59 -25.50 -4.43
C ARG A 465 -11.22 -25.51 -5.80
N THR A 466 -10.39 -25.73 -6.81
CA THR A 466 -10.88 -25.80 -8.18
C THR A 466 -10.53 -27.18 -8.60
N THR A 467 -11.46 -27.85 -9.26
CA THR A 467 -11.18 -29.19 -9.75
C THR A 467 -11.73 -29.32 -11.17
N HIS A 468 -11.57 -30.51 -11.73
CA HIS A 468 -12.03 -30.78 -13.08
C HIS A 468 -12.71 -32.15 -13.10
N PHE A 469 -13.88 -32.24 -13.70
CA PHE A 469 -14.62 -33.49 -13.78
C PHE A 469 -14.48 -34.17 -15.13
N GLY A 470 -13.78 -33.51 -16.03
CA GLY A 470 -13.47 -34.00 -17.37
C GLY A 470 -12.01 -34.31 -17.65
N GLU A 471 -11.65 -34.17 -18.92
CA GLU A 471 -10.25 -34.19 -19.33
C GLU A 471 -9.76 -32.77 -19.40
N PRO A 472 -8.89 -32.36 -18.46
CA PRO A 472 -8.37 -30.99 -18.47
C PRO A 472 -7.67 -30.65 -19.78
N THR A 473 -7.95 -29.47 -20.32
CA THR A 473 -7.19 -28.90 -21.44
C THR A 473 -5.84 -28.33 -21.00
N ALA A 474 -4.94 -28.14 -21.96
CA ALA A 474 -3.63 -27.56 -21.67
C ALA A 474 -3.75 -26.16 -21.08
N GLU A 475 -4.67 -25.35 -21.62
CA GLU A 475 -4.88 -23.99 -21.10
C GLU A 475 -5.35 -24.02 -19.64
N GLU A 476 -6.19 -24.99 -19.32
CA GLU A 476 -6.76 -25.10 -17.97
C GLU A 476 -5.68 -25.43 -16.94
N LYS A 477 -4.86 -26.43 -17.25
CA LYS A 477 -3.77 -26.83 -16.37
C LYS A 477 -2.80 -25.69 -16.13
N ARG A 478 -2.45 -25.01 -17.22
CA ARG A 478 -1.54 -23.89 -17.16
C ARG A 478 -2.11 -22.75 -16.32
N ILE A 479 -3.38 -22.43 -16.49
CA ILE A 479 -3.96 -21.35 -15.69
C ILE A 479 -3.96 -21.74 -14.22
N TYR A 480 -4.35 -22.98 -13.94
CA TYR A 480 -4.37 -23.47 -12.56
C TYR A 480 -3.02 -23.36 -11.88
N THR A 481 -2.00 -23.75 -12.64
CA THR A 481 -0.66 -23.89 -12.08
C THR A 481 -0.08 -22.49 -11.85
N LEU A 482 -0.37 -21.57 -12.76
CA LEU A 482 0.08 -20.20 -12.56
C LEU A 482 -0.58 -19.56 -11.34
N VAL A 483 -1.85 -19.92 -11.10
CA VAL A 483 -2.53 -19.49 -9.87
C VAL A 483 -1.91 -20.19 -8.68
N LEU A 484 -1.77 -21.50 -8.76
CA LEU A 484 -1.13 -22.29 -7.69
C LEU A 484 0.28 -21.80 -7.28
N LYS A 485 1.08 -21.39 -8.27
CA LYS A 485 2.43 -20.92 -7.98
C LYS A 485 2.40 -19.69 -7.06
N GLY A 486 1.57 -18.72 -7.41
CA GLY A 486 1.34 -17.57 -6.52
C GLY A 486 0.86 -18.00 -5.14
N HIS A 487 -0.03 -18.99 -5.13
CA HIS A 487 -0.61 -19.45 -3.87
C HIS A 487 0.43 -20.20 -3.03
N LEU A 488 1.21 -21.09 -3.66
CA LEU A 488 2.25 -21.82 -2.92
C LEU A 488 3.33 -20.88 -2.40
N ARG A 489 3.62 -19.85 -3.17
CA ARG A 489 4.63 -18.89 -2.75
C ARG A 489 4.19 -18.18 -1.49
N LEU A 490 2.93 -17.75 -1.46
CA LEU A 490 2.42 -17.01 -0.31
C LEU A 490 2.23 -17.91 0.91
N ARG A 491 1.98 -19.21 0.71
CA ARG A 491 1.98 -20.13 1.87
C ARG A 491 3.27 -20.04 2.68
N LYS A 492 4.41 -20.13 1.98
CA LYS A 492 5.72 -20.32 2.61
C LYS A 492 6.67 -19.13 2.64
N VAL A 493 6.25 -18.01 2.07
CA VAL A 493 7.12 -16.87 1.95
C VAL A 493 7.77 -16.50 3.28
N ILE A 494 9.05 -16.12 3.19
CA ILE A 494 9.81 -15.68 4.35
C ILE A 494 10.02 -14.20 4.18
N PHE A 495 9.67 -13.42 5.22
CA PHE A 495 9.75 -11.97 5.09
C PHE A 495 10.15 -11.30 6.38
N ALA A 496 10.96 -10.25 6.25
CA ALA A 496 11.36 -9.47 7.41
C ALA A 496 10.10 -8.83 8.00
N SER A 497 10.09 -8.63 9.31
CA SER A 497 8.85 -8.27 9.99
C SER A 497 8.30 -6.94 9.53
N TYR A 498 9.18 -6.04 9.08
CA TYR A 498 8.75 -4.73 8.57
C TYR A 498 8.05 -4.77 7.20
N THR A 499 8.08 -5.92 6.53
CA THR A 499 7.59 -5.99 5.15
C THR A 499 6.10 -5.62 5.05
N ASN A 500 5.79 -4.71 4.13
CA ASN A 500 4.41 -4.31 3.87
C ASN A 500 3.65 -5.45 3.22
N SER A 501 2.41 -5.69 3.68
CA SER A 501 1.59 -6.79 3.14
C SER A 501 1.25 -6.62 1.66
N SER A 502 1.40 -5.41 1.11
CA SER A 502 1.23 -5.27 -0.32
C SER A 502 2.35 -5.96 -1.12
N ALA A 503 3.47 -6.26 -0.45
CA ALA A 503 4.55 -6.99 -1.12
C ALA A 503 4.14 -8.44 -1.29
N LEU A 504 3.40 -8.93 -0.30
CA LEU A 504 2.96 -10.31 -0.28
C LEU A 504 1.85 -10.51 -1.30
N ASP A 505 1.08 -9.46 -1.49
CA ASP A 505 0.05 -9.47 -2.53
C ASP A 505 0.70 -9.58 -3.91
N PHE A 506 1.79 -8.83 -4.12
CA PHE A 506 2.53 -8.87 -5.39
C PHE A 506 3.06 -10.26 -5.76
N ILE A 507 3.68 -10.97 -4.82
CA ILE A 507 4.24 -12.28 -5.18
C ILE A 507 3.15 -13.33 -5.46
N ALA A 508 1.94 -13.11 -4.96
CA ALA A 508 0.85 -14.01 -5.31
C ALA A 508 0.43 -13.82 -6.76
N ARG A 509 0.66 -12.60 -7.29
CA ARG A 509 0.36 -12.26 -8.69
C ARG A 509 1.50 -12.41 -9.72
N GLU A 510 2.74 -12.51 -9.26
CA GLU A 510 3.94 -12.43 -10.14
C GLU A 510 3.83 -13.27 -11.40
N ASN A 511 3.48 -14.54 -11.19
CA ASN A 511 3.48 -15.51 -12.26
C ASN A 511 2.42 -15.23 -13.29
N LEU A 512 1.34 -14.58 -12.85
CA LEU A 512 0.28 -14.10 -13.75
C LEU A 512 0.70 -12.84 -14.45
N PHE A 513 1.34 -11.94 -13.71
CA PHE A 513 1.94 -10.74 -14.28
C PHE A 513 2.89 -11.07 -15.44
N ASN A 514 3.79 -12.04 -15.22
CA ASN A 514 4.73 -12.46 -16.26
C ASN A 514 4.00 -12.83 -17.54
N ASN A 515 2.76 -13.24 -17.40
CA ASN A 515 1.96 -13.58 -18.57
C ASN A 515 0.97 -12.51 -18.98
N PHE A 516 1.12 -11.32 -18.41
CA PHE A 516 0.17 -10.25 -18.66
C PHE A 516 -1.26 -10.65 -18.25
N MET A 517 -1.36 -11.33 -17.10
CA MET A 517 -2.65 -11.73 -16.52
C MET A 517 -2.81 -11.18 -15.12
N ASP A 518 -4.05 -10.93 -14.72
CA ASP A 518 -4.30 -10.39 -13.39
C ASP A 518 -5.65 -10.88 -12.85
N TYR A 519 -5.88 -10.69 -11.56
CA TYR A 519 -7.24 -10.93 -11.02
C TYR A 519 -7.76 -9.70 -10.32
N ASN A 520 -9.04 -9.47 -10.53
CA ASN A 520 -9.70 -8.22 -10.17
C ASN A 520 -10.11 -8.17 -8.72
N HIS A 521 -9.46 -8.96 -7.87
CA HIS A 521 -9.71 -8.81 -6.43
C HIS A 521 -8.43 -8.87 -5.61
N GLY A 522 -8.56 -8.67 -4.30
CA GLY A 522 -7.43 -8.75 -3.38
C GLY A 522 -6.99 -10.19 -3.16
N THR A 523 -5.78 -10.37 -2.65
CA THR A 523 -5.24 -11.72 -2.42
C THR A 523 -5.64 -12.34 -1.09
N GLY A 524 -5.78 -11.51 -0.06
CA GLY A 524 -6.16 -12.02 1.23
C GLY A 524 -6.82 -10.98 2.12
N HIS A 525 -7.65 -11.46 3.03
CA HIS A 525 -8.32 -10.65 4.04
C HIS A 525 -8.12 -11.30 5.40
N GLY A 526 -8.25 -10.51 6.46
CA GLY A 526 -8.27 -11.05 7.81
C GLY A 526 -9.57 -11.83 8.00
N VAL A 527 -9.62 -12.68 9.03
CA VAL A 527 -10.78 -13.54 9.26
C VAL A 527 -11.07 -13.64 10.74
N GLY A 528 -12.34 -13.48 11.11
CA GLY A 528 -12.69 -13.44 12.53
C GLY A 528 -12.86 -14.81 13.17
N LEU A 529 -12.79 -14.86 14.49
CA LEU A 529 -13.03 -16.14 15.16
C LEU A 529 -14.52 -16.22 15.45
N THR A 530 -15.22 -17.07 14.70
CA THR A 530 -16.67 -17.16 14.80
C THR A 530 -17.33 -15.78 14.63
N LEU A 531 -16.78 -14.92 13.78
CA LEU A 531 -17.44 -13.64 13.56
C LEU A 531 -17.86 -13.34 12.11
N ASN A 532 -17.02 -12.65 11.36
CA ASN A 532 -17.29 -12.37 9.96
C ASN A 532 -16.19 -13.01 9.17
N VAL A 533 -16.51 -13.51 7.99
CA VAL A 533 -15.52 -14.15 7.18
C VAL A 533 -14.57 -13.10 6.63
N HIS A 534 -15.04 -11.86 6.49
CA HIS A 534 -14.17 -10.74 6.11
C HIS A 534 -13.98 -9.81 7.29
N GLU A 535 -12.81 -9.83 7.86
CA GLU A 535 -12.54 -9.02 9.05
C GLU A 535 -11.40 -8.05 8.73
N GLY A 536 -11.52 -6.80 9.17
CA GLY A 536 -10.48 -5.81 8.94
C GLY A 536 -9.30 -5.97 9.89
N GLY A 537 -8.45 -4.96 9.96
CA GLY A 537 -7.31 -4.96 10.87
C GLY A 537 -6.02 -5.42 10.23
N CYS A 538 -6.16 -6.20 9.16
CA CYS A 538 -5.04 -6.63 8.34
C CYS A 538 -5.61 -7.09 7.03
N SER A 539 -4.79 -7.12 6.00
CA SER A 539 -5.18 -7.74 4.73
C SER A 539 -3.93 -8.00 3.90
N ILE A 540 -4.12 -8.69 2.79
CA ILE A 540 -3.09 -8.79 1.77
C ILE A 540 -3.68 -8.33 0.43
N GLY A 541 -3.36 -7.11 0.03
CA GLY A 541 -3.95 -6.55 -1.16
C GLY A 541 -3.08 -5.45 -1.72
N PRO A 542 -3.35 -5.03 -2.96
CA PRO A 542 -2.57 -4.08 -3.77
C PRO A 542 -2.62 -2.61 -3.31
N VAL A 543 -3.72 -2.24 -2.66
CA VAL A 543 -3.97 -0.86 -2.24
C VAL A 543 -4.20 -0.82 -0.74
N GLY A 544 -3.31 -0.14 -0.05
CA GLY A 544 -3.33 -0.13 1.40
C GLY A 544 -2.59 -1.40 1.75
N GLY A 545 -1.83 -1.36 2.82
CA GLY A 545 -1.08 -2.52 3.24
C GLY A 545 -0.29 -2.05 4.43
N ALA A 546 0.08 -2.98 5.30
CA ALA A 546 0.87 -2.62 6.46
C ALA A 546 1.68 -3.85 6.84
N PRO A 547 2.60 -3.72 7.78
CA PRO A 547 3.31 -4.94 8.18
C PRO A 547 2.37 -5.91 8.89
N LEU A 548 2.73 -7.18 8.83
CA LEU A 548 1.91 -8.21 9.45
C LEU A 548 2.49 -8.60 10.80
N LYS A 549 1.62 -9.00 11.73
CA LYS A 549 2.07 -9.42 13.05
C LYS A 549 1.82 -10.91 13.24
N LYS A 550 2.64 -11.54 14.09
CA LYS A 550 2.42 -12.95 14.47
C LYS A 550 1.00 -13.22 14.97
N ASN A 551 0.46 -14.37 14.58
CA ASN A 551 -0.89 -14.82 14.95
C ASN A 551 -2.01 -13.94 14.39
N MET A 552 -1.72 -13.18 13.33
CA MET A 552 -2.76 -12.66 12.46
C MET A 552 -3.20 -13.83 11.60
N VAL A 553 -4.49 -13.89 11.27
CA VAL A 553 -5.02 -14.93 10.38
C VAL A 553 -5.46 -14.29 9.06
N LEU A 554 -5.05 -14.89 7.95
CA LEU A 554 -5.31 -14.32 6.63
C LEU A 554 -5.63 -15.38 5.62
N SER A 555 -6.45 -15.02 4.65
CA SER A 555 -6.70 -15.85 3.49
C SER A 555 -5.57 -15.64 2.46
N ASN A 556 -5.39 -16.64 1.63
CA ASN A 556 -4.45 -16.62 0.53
C ASN A 556 -5.21 -17.13 -0.66
N GLU A 557 -5.61 -16.25 -1.56
CA GLU A 557 -6.56 -16.70 -2.58
C GLU A 557 -6.38 -16.06 -3.95
N PRO A 558 -5.23 -16.31 -4.60
CA PRO A 558 -5.12 -15.82 -5.97
C PRO A 558 -6.13 -16.54 -6.85
N GLY A 559 -6.48 -15.96 -8.00
CA GLY A 559 -7.37 -16.61 -8.95
C GLY A 559 -7.11 -16.10 -10.36
N TYR A 560 -7.81 -16.64 -11.35
CA TYR A 560 -7.82 -16.04 -12.68
C TYR A 560 -9.11 -16.41 -13.39
N TYR A 561 -9.70 -15.47 -14.14
CA TYR A 561 -11.07 -15.64 -14.62
C TYR A 561 -11.21 -15.34 -16.08
N MET A 562 -11.67 -16.33 -16.87
CA MET A 562 -11.84 -16.13 -18.30
C MET A 562 -13.31 -16.19 -18.69
N LYS A 563 -13.87 -15.02 -19.00
CA LYS A 563 -15.28 -14.90 -19.33
C LYS A 563 -15.66 -15.85 -20.46
N ASP A 564 -16.81 -16.50 -20.28
CA ASP A 564 -17.38 -17.43 -21.24
C ASP A 564 -16.60 -18.73 -21.34
N LYS A 565 -15.51 -18.87 -20.58
CA LYS A 565 -14.75 -20.11 -20.59
C LYS A 565 -14.69 -20.82 -19.24
N PHE A 566 -13.95 -20.24 -18.29
CA PHE A 566 -13.80 -20.85 -16.97
C PHE A 566 -12.99 -19.93 -16.07
N GLY A 567 -12.84 -20.32 -14.82
CA GLY A 567 -12.01 -19.57 -13.92
C GLY A 567 -11.43 -20.49 -12.87
N VAL A 568 -10.41 -20.01 -12.17
CA VAL A 568 -9.76 -20.78 -11.13
C VAL A 568 -9.51 -19.90 -9.93
N ARG A 569 -9.71 -20.43 -8.73
CA ARG A 569 -9.27 -19.74 -7.53
C ARG A 569 -8.81 -20.81 -6.57
N ILE A 570 -7.76 -20.51 -5.82
CA ILE A 570 -7.26 -21.47 -4.85
C ILE A 570 -7.02 -20.73 -3.56
N GLU A 571 -7.71 -21.14 -2.50
CA GLU A 571 -7.72 -20.36 -1.29
C GLU A 571 -7.48 -21.18 -0.05
N ASN A 572 -6.54 -20.72 0.75
CA ASN A 572 -6.33 -21.24 2.09
C ASN A 572 -6.45 -20.12 3.07
N MET A 573 -6.62 -20.50 4.33
CA MET A 573 -6.38 -19.59 5.43
C MET A 573 -5.12 -20.08 6.14
N GLN A 574 -4.38 -19.14 6.69
CA GLN A 574 -3.09 -19.41 7.28
C GLN A 574 -2.84 -18.30 8.30
N TYR A 575 -1.87 -18.49 9.19
CA TYR A 575 -1.59 -17.46 10.19
C TYR A 575 -0.12 -17.13 10.26
N VAL A 576 0.18 -15.93 10.74
CA VAL A 576 1.56 -15.47 10.76
C VAL A 576 2.33 -16.03 11.94
N ILE A 577 3.45 -16.67 11.60
CA ILE A 577 4.38 -17.25 12.56
C ILE A 577 5.76 -16.58 12.50
N SER A 578 6.51 -16.66 13.59
CA SER A 578 7.92 -16.23 13.57
C SER A 578 8.80 -17.34 12.99
N LYS A 579 9.47 -17.06 11.87
CA LYS A 579 10.32 -18.06 11.25
C LYS A 579 11.72 -18.12 11.85
N GLU A 580 12.38 -16.97 11.96
CA GLU A 580 13.74 -16.95 12.47
C GLU A 580 14.10 -15.58 13.02
N ILE A 581 14.89 -15.56 14.09
CA ILE A 581 15.36 -14.32 14.67
C ILE A 581 16.87 -14.31 14.69
N THR A 582 17.46 -13.33 14.01
CA THR A 582 18.92 -13.15 14.01
C THR A 582 19.29 -11.99 14.93
N ASP A 583 20.57 -11.64 14.98
CA ASP A 583 21.04 -10.53 15.79
C ASP A 583 20.43 -9.21 15.31
N THR A 584 20.31 -9.09 14.00
CA THR A 584 19.74 -7.93 13.31
C THR A 584 18.20 -7.88 13.09
N THR A 585 17.61 -9.01 12.72
CA THR A 585 16.31 -8.98 12.07
C THR A 585 15.40 -10.12 12.51
N GLU A 586 14.09 -9.86 12.62
CA GLU A 586 13.13 -10.95 12.82
C GLU A 586 12.44 -11.28 11.50
N TYR A 587 12.50 -12.55 11.13
CA TYR A 587 11.86 -13.01 9.90
C TYR A 587 10.59 -13.76 10.25
N LEU A 588 9.57 -13.55 9.43
CA LEU A 588 8.30 -14.19 9.64
C LEU A 588 7.96 -15.08 8.45
N SER A 589 7.07 -16.03 8.69
CA SER A 589 6.46 -16.79 7.61
C SER A 589 5.02 -17.10 8.01
N PHE A 590 4.39 -18.01 7.28
CA PHE A 590 3.02 -18.44 7.55
C PHE A 590 3.01 -19.91 7.91
N ASP A 591 1.95 -20.33 8.57
CA ASP A 591 1.66 -21.73 8.80
C ASP A 591 0.20 -22.00 8.40
N ASP A 592 -0.10 -23.22 7.97
CA ASP A 592 -1.42 -23.48 7.42
C ASP A 592 -2.51 -23.63 8.50
N LEU A 593 -3.68 -23.09 8.20
CA LEU A 593 -4.90 -23.54 8.88
C LEU A 593 -5.59 -24.58 7.97
N THR A 594 -5.93 -24.17 6.75
CA THR A 594 -6.62 -25.04 5.79
C THR A 594 -5.92 -26.37 5.53
N MET A 595 -6.64 -27.47 5.73
CA MET A 595 -6.11 -28.77 5.34
C MET A 595 -6.97 -29.47 4.30
N TYR A 596 -6.70 -29.22 3.03
CA TYR A 596 -7.28 -30.03 1.98
C TYR A 596 -6.33 -29.94 0.80
N PRO A 597 -6.16 -31.04 0.06
CA PRO A 597 -5.11 -31.02 -0.96
C PRO A 597 -5.50 -30.28 -2.22
N TYR A 598 -4.55 -30.20 -3.15
CA TYR A 598 -4.74 -29.49 -4.40
C TYR A 598 -5.07 -30.51 -5.50
N GLU A 599 -5.37 -30.03 -6.69
CA GLU A 599 -5.89 -30.92 -7.71
C GLU A 599 -4.77 -31.34 -8.68
N LYS A 600 -4.36 -32.60 -8.60
CA LYS A 600 -3.25 -33.08 -9.41
C LYS A 600 -3.57 -33.11 -10.90
N LYS A 601 -4.82 -33.38 -11.26
CA LYS A 601 -5.20 -33.41 -12.68
C LYS A 601 -5.02 -32.05 -13.36
N LEU A 602 -4.93 -30.99 -12.59
CA LEU A 602 -4.76 -29.66 -13.16
C LEU A 602 -3.30 -29.16 -13.18
N LEU A 603 -2.37 -30.00 -12.78
CA LEU A 603 -0.98 -29.56 -12.66
C LEU A 603 -0.26 -29.54 -14.03
N ASP A 604 0.40 -28.43 -14.32
CA ASP A 604 1.28 -28.30 -15.48
C ASP A 604 2.70 -28.43 -14.97
N PHE A 605 3.33 -29.58 -15.24
CA PHE A 605 4.62 -29.85 -14.61
C PHE A 605 5.77 -29.12 -15.31
N SER A 606 5.50 -28.56 -16.48
CA SER A 606 6.48 -27.73 -17.14
C SER A 606 6.63 -26.39 -16.43
N LEU A 607 5.67 -26.04 -15.59
CA LEU A 607 5.75 -24.77 -14.86
C LEU A 607 6.26 -24.89 -13.41
N LEU A 608 6.43 -26.12 -12.95
CA LEU A 608 6.63 -26.40 -11.52
C LEU A 608 8.06 -26.79 -11.16
N THR A 609 8.70 -25.95 -10.34
CA THR A 609 10.04 -26.23 -9.82
C THR A 609 9.98 -27.40 -8.85
N ASN A 610 11.11 -28.02 -8.57
CA ASN A 610 11.14 -29.10 -7.60
C ASN A 610 10.82 -28.62 -6.18
N GLN A 611 11.16 -27.38 -5.86
CA GLN A 611 10.85 -26.83 -4.55
C GLN A 611 9.34 -26.72 -4.35
N GLU A 612 8.62 -26.48 -5.43
CA GLU A 612 7.17 -26.43 -5.36
C GLU A 612 6.58 -27.82 -5.21
N ILE A 613 7.15 -28.78 -5.94
CA ILE A 613 6.68 -30.13 -5.86
C ILE A 613 6.92 -30.67 -4.46
N LYS A 614 8.10 -30.42 -3.89
CA LYS A 614 8.35 -30.87 -2.52
C LYS A 614 7.36 -30.20 -1.54
N GLU A 615 7.08 -28.92 -1.73
CA GLU A 615 6.16 -28.21 -0.85
C GLU A 615 4.75 -28.80 -0.97
N LEU A 616 4.35 -29.14 -2.19
CA LEU A 616 3.09 -29.81 -2.41
C LEU A 616 3.04 -31.12 -1.65
N ASN A 617 4.09 -31.91 -1.81
CA ASN A 617 4.20 -33.19 -1.12
C ASN A 617 4.22 -33.04 0.38
N GLU A 618 4.91 -32.04 0.88
CA GLU A 618 5.01 -31.86 2.33
C GLU A 618 3.61 -31.48 2.89
N TYR A 619 2.92 -30.58 2.20
CA TYR A 619 1.55 -30.23 2.55
C TYR A 619 0.62 -31.44 2.50
N HIS A 620 0.69 -32.20 1.41
CA HIS A 620 -0.25 -33.32 1.25
C HIS A 620 -0.05 -34.39 2.31
N THR A 621 1.20 -34.60 2.71
CA THR A 621 1.51 -35.58 3.78
C THR A 621 1.01 -35.11 5.14
N THR A 622 1.18 -33.82 5.42
CA THR A 622 0.64 -33.23 6.64
C THR A 622 -0.88 -33.45 6.72
N ILE A 623 -1.55 -33.33 5.59
CA ILE A 623 -2.99 -33.56 5.50
C ILE A 623 -3.31 -35.01 5.80
N ARG A 624 -2.55 -35.92 5.21
CA ARG A 624 -2.76 -37.35 5.47
C ARG A 624 -2.49 -37.68 6.93
N ASN A 625 -1.43 -37.12 7.49
CA ASN A 625 -1.13 -37.43 8.89
C ASN A 625 -2.26 -36.97 9.81
N THR A 626 -2.82 -35.81 9.50
CA THR A 626 -3.87 -35.18 10.30
C THR A 626 -5.23 -35.85 10.17
N LEU A 627 -5.72 -35.95 8.94
CA LEU A 627 -7.08 -36.40 8.70
C LEU A 627 -7.28 -37.91 8.73
N LEU A 628 -6.27 -38.67 8.29
CA LEU A 628 -6.43 -40.13 8.19
C LEU A 628 -6.77 -40.82 9.52
N PRO A 629 -6.12 -40.42 10.64
CA PRO A 629 -6.53 -41.09 11.88
C PRO A 629 -7.93 -40.71 12.33
N LEU A 630 -8.38 -39.49 11.98
CA LEU A 630 -9.75 -39.10 12.31
C LEU A 630 -10.74 -39.89 11.48
N VAL A 631 -10.43 -40.10 10.20
CA VAL A 631 -11.26 -40.90 9.33
C VAL A 631 -11.47 -42.32 9.89
N LYS A 632 -10.36 -43.01 10.18
CA LYS A 632 -10.38 -44.44 10.51
C LYS A 632 -11.20 -44.80 11.75
N GLN A 633 -11.37 -43.83 12.65
CA GLN A 633 -12.03 -44.13 13.91
C GLN A 633 -13.53 -43.86 13.86
N SER A 634 -13.99 -43.28 12.77
CA SER A 634 -15.43 -43.19 12.51
C SER A 634 -15.75 -43.87 11.19
N PRO A 635 -15.55 -45.20 11.15
CA PRO A 635 -15.73 -45.92 9.88
C PRO A 635 -17.19 -45.89 9.48
N GLN A 636 -18.06 -45.81 10.47
CA GLN A 636 -19.46 -45.50 10.29
C GLN A 636 -19.69 -44.24 9.46
N GLU A 637 -19.03 -43.14 9.86
CA GLU A 637 -19.23 -41.85 9.21
C GLU A 637 -18.45 -41.75 7.92
N TYR A 638 -17.29 -42.38 7.88
CA TYR A 638 -16.42 -42.25 6.73
C TYR A 638 -16.28 -43.54 5.93
N GLY A 639 -15.61 -44.53 6.49
CA GLY A 639 -15.49 -45.82 5.82
C GLY A 639 -14.22 -45.92 4.99
N GLU A 640 -13.99 -47.09 4.41
CA GLU A 640 -12.71 -47.36 3.76
C GLU A 640 -12.56 -46.79 2.33
N SER A 641 -13.67 -46.56 1.65
CA SER A 641 -13.61 -45.91 0.34
C SER A 641 -13.10 -44.48 0.52
N VAL A 642 -13.47 -43.87 1.64
CA VAL A 642 -13.08 -42.50 1.93
C VAL A 642 -11.58 -42.41 2.26
N GLU A 643 -11.06 -43.35 3.04
CA GLU A 643 -9.66 -43.26 3.42
C GLU A 643 -8.76 -43.62 2.24
N LYS A 644 -9.22 -44.54 1.39
CA LYS A 644 -8.49 -44.85 0.17
C LYS A 644 -8.46 -43.61 -0.70
N TYR A 645 -9.58 -42.89 -0.75
CA TYR A 645 -9.61 -41.64 -1.51
C TYR A 645 -8.64 -40.62 -0.93
N LEU A 646 -8.70 -40.45 0.40
CA LEU A 646 -7.77 -39.57 1.10
C LEU A 646 -6.32 -39.94 0.79
N ILE A 647 -6.00 -41.23 0.87
CA ILE A 647 -4.64 -41.70 0.63
C ILE A 647 -4.25 -41.42 -0.82
N GLU A 648 -5.20 -41.59 -1.73
CA GLU A 648 -4.97 -41.30 -3.13
C GLU A 648 -4.59 -39.84 -3.39
N ILE A 649 -5.42 -38.90 -2.94
CA ILE A 649 -5.21 -37.51 -3.29
C ILE A 649 -4.03 -36.91 -2.52
N THR A 650 -3.57 -37.58 -1.46
CA THR A 650 -2.35 -37.14 -0.76
C THR A 650 -1.06 -37.89 -1.15
N GLU A 651 -1.10 -38.77 -2.14
CA GLU A 651 0.10 -39.50 -2.54
C GLU A 651 1.16 -38.54 -3.06
N PRO A 652 2.42 -38.71 -2.61
CA PRO A 652 3.53 -37.87 -3.06
C PRO A 652 3.68 -37.85 -4.57
N ILE A 653 3.95 -36.67 -5.10
CA ILE A 653 4.22 -36.48 -6.53
C ILE A 653 5.70 -36.77 -6.81
N ALA A 654 5.99 -37.27 -8.00
CA ALA A 654 7.37 -37.60 -8.38
C ALA A 654 8.16 -36.35 -8.75
N ILE A 655 9.44 -36.34 -8.38
CA ILE A 655 10.32 -35.21 -8.62
C ILE A 655 10.74 -35.07 -10.08
N VAL B 31 19.08 22.11 26.75
CA VAL B 31 18.74 21.29 25.58
C VAL B 31 18.87 22.06 24.26
N TYR B 32 20.03 21.96 23.63
CA TYR B 32 20.27 22.52 22.30
C TYR B 32 20.23 21.40 21.27
N ILE B 33 19.64 21.67 20.10
CA ILE B 33 19.55 20.63 19.08
C ILE B 33 20.23 21.04 17.77
N LEU B 34 21.36 20.38 17.49
CA LEU B 34 22.12 20.64 16.27
C LEU B 34 21.89 19.49 15.32
N ILE B 35 21.51 19.82 14.09
CA ILE B 35 21.24 18.82 13.08
C ILE B 35 22.17 19.02 11.89
N ASN B 36 22.45 17.96 11.12
CA ASN B 36 23.20 18.22 9.91
C ASN B 36 22.19 18.32 8.78
N SER B 37 21.90 19.57 8.47
CA SER B 37 21.00 19.98 7.40
C SER B 37 21.34 21.43 7.15
N ASP B 38 20.95 21.95 6.00
CA ASP B 38 21.11 23.38 5.77
C ASP B 38 19.74 24.03 5.74
N GLU B 39 19.70 25.32 5.47
CA GLU B 39 18.43 26.05 5.37
C GLU B 39 17.49 25.43 4.34
N HIS B 40 18.05 24.72 3.36
CA HIS B 40 17.27 24.12 2.27
C HIS B 40 16.99 22.61 2.29
N ASN B 41 17.34 21.92 3.38
CA ASN B 41 17.04 20.48 3.53
C ASN B 41 17.83 19.64 2.53
N SER B 42 19.07 20.07 2.32
CA SER B 42 20.02 19.33 1.51
C SER B 42 20.54 18.12 2.29
N GLU B 43 20.62 16.98 1.63
CA GLU B 43 21.18 15.79 2.25
C GLU B 43 22.71 15.90 2.30
N ILE B 44 23.29 16.52 1.29
CA ILE B 44 24.73 16.76 1.29
C ILE B 44 24.94 18.26 1.50
N ILE B 45 25.45 18.64 2.67
CA ILE B 45 25.47 20.02 3.12
C ILE B 45 26.86 20.64 2.99
N ASN B 46 26.92 21.95 2.75
CA ASN B 46 28.22 22.61 2.57
C ASN B 46 28.97 22.77 3.90
N GLU B 47 30.21 23.25 3.79
CA GLU B 47 31.09 23.34 4.94
C GLU B 47 30.54 24.33 5.94
N LYS B 48 29.88 25.35 5.41
CA LYS B 48 29.15 26.34 6.21
C LYS B 48 28.13 25.70 7.16
N ASP B 49 27.60 24.53 6.78
CA ASP B 49 26.51 23.90 7.51
C ASP B 49 26.92 22.79 8.52
N LYS B 50 28.19 22.42 8.60
CA LYS B 50 28.53 21.26 9.42
C LYS B 50 29.02 21.68 10.78
N LYS B 51 28.15 21.58 11.78
CA LYS B 51 28.48 22.01 13.13
C LYS B 51 28.79 20.85 14.10
N ILE B 52 28.62 19.63 13.61
CA ILE B 52 28.69 18.44 14.46
C ILE B 52 29.92 17.58 14.14
N ALA B 61 27.40 12.04 7.46
CA ALA B 61 26.41 13.00 6.96
C ALA B 61 25.22 13.13 7.89
N ASP B 62 24.42 12.06 7.96
CA ASP B 62 23.19 12.04 8.75
C ASP B 62 23.43 12.00 10.26
N GLY B 63 22.90 13.00 10.96
CA GLY B 63 23.06 13.03 12.39
C GLY B 63 22.29 14.14 13.06
N ILE B 64 22.00 13.93 14.35
CA ILE B 64 21.34 14.94 15.17
C ILE B 64 22.02 14.98 16.53
N LEU B 65 22.42 16.19 16.94
CA LEU B 65 23.09 16.38 18.23
C LEU B 65 22.11 16.85 19.29
N ILE B 66 22.11 16.16 20.44
CA ILE B 66 21.31 16.59 21.58
C ILE B 66 22.20 16.94 22.77
N VAL B 67 21.97 18.12 23.35
CA VAL B 67 22.78 18.64 24.45
C VAL B 67 22.81 17.71 25.67
N ARG B 96 23.45 5.79 19.86
CA ARG B 96 22.24 5.02 19.66
C ARG B 96 21.74 5.12 18.21
N ILE B 97 21.61 3.97 17.54
CA ILE B 97 21.20 3.91 16.12
C ILE B 97 19.69 4.03 15.90
N SER B 98 19.29 4.53 14.74
CA SER B 98 17.88 4.71 14.42
C SER B 98 17.40 3.79 13.28
N ARG B 99 16.55 2.82 13.62
CA ARG B 99 16.10 1.79 12.68
C ARG B 99 14.66 1.99 12.21
N ILE B 100 14.15 1.05 11.40
CA ILE B 100 12.82 1.13 10.80
C ILE B 100 11.72 0.93 11.84
N ASP B 101 12.00 0.12 12.86
CA ASP B 101 11.10 -0.01 14.00
C ASP B 101 11.29 1.14 14.98
N ASN B 102 12.55 1.53 15.16
CA ASN B 102 13.00 2.45 16.20
C ASN B 102 12.88 3.92 15.81
N ARG B 103 12.26 4.21 14.66
CA ARG B 103 12.32 5.54 14.07
C ARG B 103 11.95 6.69 15.01
N ASP B 104 10.87 6.54 15.76
CA ASP B 104 10.41 7.63 16.62
C ASP B 104 11.12 7.65 17.97
N GLU B 105 12.09 6.75 18.16
CA GLU B 105 12.78 6.61 19.44
C GLU B 105 13.27 7.96 19.96
N ILE B 106 13.77 8.79 19.06
CA ILE B 106 14.41 10.04 19.46
C ILE B 106 13.42 11.02 20.12
N PHE B 107 12.18 11.07 19.63
CA PHE B 107 11.20 11.99 20.20
C PHE B 107 10.76 11.49 21.56
N GLU B 108 10.73 10.16 21.71
CA GLU B 108 10.47 9.55 23.00
C GLU B 108 11.66 9.79 23.91
N THR B 109 12.85 9.75 23.33
CA THR B 109 14.08 10.02 24.08
C THR B 109 14.06 11.43 24.67
N ILE B 110 13.85 12.42 23.80
CA ILE B 110 13.74 13.81 24.23
C ILE B 110 12.40 14.07 24.92
N ILE B 118 14.73 24.69 25.59
CA ILE B 118 14.90 24.04 24.29
C ILE B 118 15.12 25.05 23.17
N ALA B 119 16.18 24.87 22.41
CA ALA B 119 16.51 25.78 21.31
C ALA B 119 17.03 25.04 20.08
N PHE B 120 16.85 25.66 18.92
CA PHE B 120 17.15 25.00 17.65
C PHE B 120 17.79 26.01 16.71
N ASP B 121 18.51 25.52 15.70
CA ASP B 121 19.03 26.41 14.68
C ASP B 121 17.92 26.65 13.68
N GLY B 122 17.46 27.89 13.61
CA GLY B 122 16.33 28.23 12.76
C GLY B 122 16.68 28.04 11.30
N LYS B 123 17.96 28.15 11.01
CA LYS B 123 18.48 27.89 9.69
C LYS B 123 18.52 26.39 9.43
N ASN B 124 18.94 25.61 10.43
CA ASN B 124 19.18 24.19 10.20
C ASN B 124 17.99 23.27 10.53
N THR B 125 16.97 23.79 11.19
CA THR B 125 15.92 22.91 11.70
C THR B 125 14.68 22.93 10.81
N SER B 126 14.16 21.75 10.50
CA SER B 126 12.99 21.63 9.63
C SER B 126 11.71 21.62 10.45
N VAL B 127 10.64 22.18 9.92
CA VAL B 127 9.40 22.26 10.66
C VAL B 127 8.79 20.87 10.91
N VAL B 128 9.20 19.88 10.13
CA VAL B 128 8.72 18.52 10.36
C VAL B 128 9.25 18.01 11.71
N PHE B 129 10.54 18.18 11.92
CA PHE B 129 11.15 17.76 13.17
C PHE B 129 10.66 18.58 14.37
N TYR B 130 10.51 19.89 14.17
CA TYR B 130 10.13 20.79 15.24
C TYR B 130 8.67 20.58 15.65
N GLU B 131 7.79 20.48 14.67
CA GLU B 131 6.38 20.26 14.97
C GLU B 131 6.20 18.87 15.58
N LYS B 132 6.96 17.89 15.09
CA LYS B 132 6.86 16.54 15.63
C LYS B 132 7.37 16.54 17.07
N LEU B 133 8.38 17.36 17.35
CA LEU B 133 8.92 17.43 18.70
C LEU B 133 7.93 18.08 19.66
N ARG B 134 7.45 19.28 19.33
CA ARG B 134 6.55 20.02 20.23
C ARG B 134 5.27 19.23 20.49
N LYS B 135 4.77 18.56 19.46
CA LYS B 135 3.60 17.71 19.59
C LYS B 135 3.89 16.58 20.57
N ALA B 136 5.01 15.90 20.36
CA ALA B 136 5.44 14.84 21.27
C ALA B 136 5.55 15.34 22.70
N LEU B 137 6.08 16.55 22.84
CA LEU B 137 6.27 17.16 24.15
C LEU B 137 4.92 17.42 24.81
N LEU B 138 3.94 17.80 23.99
CA LEU B 138 2.61 18.11 24.52
C LEU B 138 1.87 16.86 24.97
N ASN B 139 2.20 15.72 24.38
CA ASN B 139 1.62 14.44 24.80
C ASN B 139 1.90 14.20 26.28
N ALA B 140 3.17 14.24 26.65
CA ALA B 140 3.53 14.28 28.06
C ALA B 140 3.39 15.71 28.55
N TYR B 141 3.72 15.95 29.82
CA TYR B 141 3.80 17.29 30.38
C TYR B 141 2.78 18.31 29.84
N PRO B 142 1.49 18.12 30.16
CA PRO B 142 0.48 19.08 29.72
C PRO B 142 0.01 19.99 30.85
N LYS B 145 2.32 23.89 29.26
CA LYS B 145 2.10 24.69 28.07
C LYS B 145 3.37 25.44 27.64
N ILE B 146 3.78 25.23 26.39
CA ILE B 146 5.08 25.69 25.88
C ILE B 146 5.08 27.10 25.26
N VAL B 147 6.14 27.86 25.52
CA VAL B 147 6.30 29.20 24.96
C VAL B 147 7.43 29.26 23.93
N GLU B 148 7.19 29.89 22.78
CA GLU B 148 8.18 29.90 21.70
C GLU B 148 8.47 31.29 21.10
N LYS B 149 9.75 31.67 21.08
CA LYS B 149 10.17 32.94 20.50
C LYS B 149 11.29 32.78 19.48
N ILE B 150 11.20 33.52 18.38
CA ILE B 150 12.23 33.48 17.35
C ILE B 150 13.47 34.24 17.79
N PHE B 170 10.57 27.03 23.96
CA PHE B 170 11.16 26.74 22.65
C PHE B 170 11.73 28.00 22.00
N LEU B 171 13.05 28.09 21.90
CA LEU B 171 13.64 29.24 21.23
C LEU B 171 14.15 28.89 19.83
N VAL B 172 13.85 29.75 18.86
CA VAL B 172 14.32 29.57 17.50
C VAL B 172 15.41 30.60 17.20
N LEU B 173 16.63 30.13 16.96
CA LEU B 173 17.76 31.02 16.73
C LEU B 173 17.91 31.39 15.26
N GLU B 174 17.90 32.69 14.99
CA GLU B 174 18.20 33.17 13.66
C GLU B 174 19.69 33.03 13.49
N LYS B 175 20.45 33.75 14.32
CA LYS B 175 21.87 33.50 14.38
C LYS B 175 22.06 32.14 15.05
N SER B 176 22.71 31.23 14.35
CA SER B 176 22.94 29.89 14.88
C SER B 176 23.98 29.97 15.99
N LEU B 177 23.88 29.11 16.98
CA LEU B 177 25.00 28.95 17.89
C LEU B 177 25.92 27.90 17.27
N VAL B 178 27.10 27.70 17.87
CA VAL B 178 28.16 26.88 17.29
C VAL B 178 28.39 27.16 15.80
N TYR B 183 35.19 29.49 6.45
CA TYR B 183 34.49 28.75 5.41
C TYR B 183 34.70 29.40 4.04
N PRO B 184 34.73 28.58 2.97
CA PRO B 184 34.87 29.03 1.58
C PRO B 184 33.58 29.56 0.94
N VAL B 185 33.73 30.45 -0.03
CA VAL B 185 32.59 31.06 -0.73
C VAL B 185 32.64 30.73 -2.23
N ASN B 186 31.49 30.70 -2.89
CA ASN B 186 31.45 30.40 -4.32
C ASN B 186 31.03 31.60 -5.18
N ASN B 187 32.02 31.99 -5.97
CA ASN B 187 32.02 33.17 -6.83
C ASN B 187 31.74 32.87 -8.29
N LYS B 188 31.65 31.58 -8.56
CA LYS B 188 31.41 31.02 -9.89
C LYS B 188 29.97 31.21 -10.36
N THR B 189 29.82 31.44 -11.66
CA THR B 189 28.57 31.90 -12.25
C THR B 189 27.53 30.80 -12.49
N LEU B 190 26.25 31.13 -12.33
CA LEU B 190 25.16 30.27 -12.77
C LEU B 190 25.16 30.19 -14.30
N TYR B 191 24.55 29.15 -14.86
CA TYR B 191 24.49 28.99 -16.32
C TYR B 191 23.19 28.32 -16.77
N ILE B 192 22.71 28.68 -17.96
CA ILE B 192 21.48 28.07 -18.49
C ILE B 192 21.68 26.59 -18.81
N HIS B 193 20.72 25.77 -18.39
CA HIS B 193 20.65 24.37 -18.81
C HIS B 193 19.86 24.32 -20.11
N ASP B 194 20.52 23.97 -21.20
CA ASP B 194 19.94 24.12 -22.55
C ASP B 194 18.76 23.17 -22.75
N ARG B 195 17.84 23.57 -23.62
CA ARG B 195 16.63 22.80 -23.87
C ARG B 195 16.92 21.44 -24.51
N LYS B 196 18.02 21.35 -25.25
CA LYS B 196 18.39 20.11 -25.91
C LYS B 196 18.59 18.99 -24.89
N TYR B 197 19.02 19.37 -23.68
CA TYR B 197 19.13 18.44 -22.57
C TYR B 197 17.81 18.16 -21.82
N ASN B 198 17.07 19.20 -21.45
CA ASN B 198 15.90 19.05 -20.57
C ASN B 198 14.52 18.95 -21.23
N GLY B 199 14.41 19.24 -22.51
CA GLY B 199 13.17 19.06 -23.23
C GLY B 199 12.02 20.01 -22.93
N ALA B 200 12.15 20.88 -21.93
CA ALA B 200 11.07 21.80 -21.62
C ALA B 200 11.57 23.17 -21.19
N CYS B 201 11.08 24.21 -21.88
CA CYS B 201 11.41 25.60 -21.56
C CYS B 201 10.88 26.02 -20.19
N ALA B 202 11.67 26.85 -19.50
CA ALA B 202 11.34 27.29 -18.15
C ALA B 202 9.98 27.95 -18.06
N GLY B 203 9.49 28.51 -19.17
CA GLY B 203 8.17 29.09 -19.19
C GLY B 203 7.07 28.04 -19.33
N GLU B 204 7.41 26.95 -20.00
CA GLU B 204 6.49 25.84 -20.21
C GLU B 204 6.25 25.11 -18.90
N LYS B 205 7.28 25.07 -18.06
CA LYS B 205 7.17 24.47 -16.75
C LYS B 205 6.29 25.34 -15.85
N ILE B 206 6.64 26.62 -15.78
CA ILE B 206 5.87 27.59 -15.01
C ILE B 206 4.39 27.54 -15.36
N ASP B 207 4.07 27.49 -16.67
CA ASP B 207 2.68 27.30 -17.08
C ASP B 207 2.06 26.06 -16.44
N LYS B 208 2.77 24.94 -16.48
CA LYS B 208 2.28 23.71 -15.85
C LYS B 208 2.06 23.98 -14.37
N LEU B 209 2.98 24.74 -13.78
CA LEU B 209 2.87 25.06 -12.37
C LEU B 209 1.66 25.95 -12.10
N LYS B 210 1.41 26.90 -12.99
CA LYS B 210 0.27 27.80 -12.85
C LYS B 210 -1.04 27.03 -12.83
N GLN B 211 -1.09 25.93 -13.57
CA GLN B 211 -2.29 25.13 -13.65
C GLN B 211 -2.55 24.36 -12.37
N SER B 212 -1.48 23.95 -11.70
CA SER B 212 -1.63 23.27 -10.42
C SER B 212 -2.41 24.13 -9.43
N LEU B 213 -2.25 25.44 -9.54
CA LEU B 213 -2.90 26.38 -8.63
C LEU B 213 -4.35 26.66 -8.98
N MET B 214 -4.70 26.47 -10.25
CA MET B 214 -6.08 26.65 -10.66
C MET B 214 -6.94 25.47 -10.21
N TYR B 215 -6.39 24.27 -10.39
CA TYR B 215 -7.13 23.03 -10.18
C TYR B 215 -6.77 22.33 -8.88
N ASP B 216 -5.51 21.95 -8.72
CA ASP B 216 -5.12 21.13 -7.57
C ASP B 216 -5.11 21.88 -6.24
N ILE B 217 -4.58 23.09 -6.23
CA ILE B 217 -4.50 23.82 -4.97
C ILE B 217 -5.40 25.06 -5.01
N LYS B 218 -6.58 24.95 -4.42
CA LYS B 218 -7.54 26.03 -4.47
C LYS B 218 -7.64 26.85 -3.18
N ASN B 219 -6.98 26.39 -2.11
CA ASN B 219 -7.08 27.06 -0.82
C ASN B 219 -5.91 27.96 -0.44
N VAL B 220 -4.92 28.10 -1.30
CA VAL B 220 -3.87 29.08 -1.03
C VAL B 220 -3.33 29.68 -2.33
N ASP B 221 -3.07 30.99 -2.30
CA ASP B 221 -2.54 31.72 -3.45
C ASP B 221 -1.05 32.05 -3.40
N ASN B 222 -0.40 31.70 -2.30
CA ASN B 222 1.03 31.94 -2.17
C ASN B 222 1.79 30.65 -1.94
N LEU B 223 2.87 30.47 -2.70
CA LEU B 223 3.68 29.26 -2.62
C LEU B 223 5.16 29.60 -2.60
N LEU B 224 5.88 29.04 -1.63
CA LEU B 224 7.32 29.27 -1.53
C LEU B 224 8.11 27.99 -1.82
N LEU B 225 8.91 28.04 -2.88
CA LEU B 225 9.78 26.93 -3.23
C LEU B 225 11.10 27.11 -2.51
N SER B 226 11.41 26.22 -1.57
CA SER B 226 12.72 26.23 -0.93
C SER B 226 13.70 25.14 -1.39
N GLU B 227 13.25 24.20 -2.21
CA GLU B 227 14.08 23.06 -2.59
C GLU B 227 14.93 23.44 -3.79
N LEU B 228 16.24 23.43 -3.61
CA LEU B 228 17.14 23.95 -4.64
C LEU B 228 16.97 23.28 -6.01
N ASP B 229 16.71 21.98 -6.01
CA ASP B 229 16.54 21.25 -7.27
C ASP B 229 15.24 21.63 -7.97
N GLU B 230 14.20 21.96 -7.18
CA GLU B 230 12.93 22.40 -7.75
C GLU B 230 13.09 23.73 -8.49
N ILE B 231 13.75 24.68 -7.85
CA ILE B 231 14.04 25.95 -8.48
C ILE B 231 14.94 25.77 -9.70
N ALA B 232 16.04 25.03 -9.56
CA ALA B 232 16.94 24.80 -10.68
C ALA B 232 16.20 24.16 -11.85
N TYR B 233 15.36 23.17 -11.54
CA TYR B 233 14.58 22.46 -12.56
C TYR B 233 13.59 23.39 -13.24
N LEU B 234 12.90 24.19 -12.43
CA LEU B 234 11.85 25.05 -12.93
C LEU B 234 12.39 26.13 -13.87
N LEU B 235 13.55 26.67 -13.53
CA LEU B 235 14.11 27.80 -14.26
C LEU B 235 15.12 27.36 -15.33
N ASN B 236 15.36 26.05 -15.42
CA ASN B 236 16.40 25.50 -16.29
C ASN B 236 17.75 26.19 -16.09
N LEU B 237 18.14 26.35 -14.83
CA LEU B 237 19.41 26.98 -14.47
C LEU B 237 20.21 26.10 -13.51
N ARG B 238 21.53 26.17 -13.60
CA ARG B 238 22.38 25.40 -12.68
C ARG B 238 23.44 26.29 -12.07
N GLY B 239 24.13 25.81 -11.04
CA GLY B 239 25.11 26.60 -10.32
C GLY B 239 26.20 25.84 -9.61
N TYR B 240 27.11 26.59 -9.01
CA TYR B 240 28.25 26.02 -8.30
C TYR B 240 28.21 26.05 -6.77
N ASP B 241 27.09 26.44 -6.18
CA ASP B 241 27.04 26.59 -4.72
C ASP B 241 27.27 25.30 -3.94
N TYR B 242 27.09 24.15 -4.57
CA TYR B 242 27.31 22.87 -3.90
C TYR B 242 28.36 22.04 -4.65
N GLN B 243 29.04 21.18 -3.91
CA GLN B 243 30.14 20.42 -4.50
C GLN B 243 29.69 19.31 -5.45
N TYR B 244 28.77 18.46 -5.00
CA TYR B 244 28.34 17.33 -5.81
C TYR B 244 27.03 17.49 -6.57
N SER B 245 26.31 18.58 -6.34
CA SER B 245 25.09 18.85 -7.09
C SER B 245 25.20 20.23 -7.73
N PRO B 246 24.77 20.35 -9.00
CA PRO B 246 24.95 21.62 -9.72
C PRO B 246 23.86 22.62 -9.37
N LEU B 247 23.74 22.93 -8.09
CA LEU B 247 22.66 23.76 -7.59
C LEU B 247 23.17 25.08 -7.01
N PHE B 248 22.25 25.95 -6.61
CA PHE B 248 22.57 27.27 -6.06
C PHE B 248 21.62 27.73 -4.94
N TYR B 249 22.17 28.39 -3.93
CA TYR B 249 21.32 28.94 -2.87
C TYR B 249 20.29 29.88 -3.48
N SER B 250 19.02 29.60 -3.23
CA SER B 250 17.93 30.43 -3.73
C SER B 250 16.58 30.22 -3.02
N TYR B 251 15.66 31.16 -3.22
CA TYR B 251 14.25 30.96 -2.90
C TYR B 251 13.43 31.41 -4.10
N LEU B 252 12.26 30.81 -4.27
CA LEU B 252 11.37 31.23 -5.34
C LEU B 252 9.93 31.30 -4.84
N LEU B 253 9.35 32.51 -4.86
CA LEU B 253 8.00 32.70 -4.36
C LEU B 253 7.01 32.99 -5.49
N PHE B 254 5.93 32.24 -5.51
CA PHE B 254 4.87 32.46 -6.48
C PHE B 254 3.65 33.06 -5.77
N GLN B 255 3.08 34.09 -6.36
CA GLN B 255 1.84 34.66 -5.83
C GLN B 255 0.78 34.63 -6.94
N PHE B 256 -0.41 34.11 -6.59
CA PHE B 256 -1.44 33.82 -7.57
C PHE B 256 -2.66 34.73 -7.39
N ASP B 257 -3.14 35.29 -8.50
CA ASP B 257 -4.20 36.30 -8.47
C ASP B 257 -5.62 35.75 -8.32
N ARG B 258 -5.84 34.49 -8.62
CA ARG B 258 -7.18 33.96 -8.56
C ARG B 258 -8.19 35.06 -8.83
N GLN B 261 -6.93 33.16 -11.93
CA GLN B 261 -6.74 34.43 -12.61
C GLN B 261 -5.38 34.49 -13.29
N ASP B 262 -4.32 34.19 -12.53
CA ASP B 262 -2.97 34.20 -13.07
C ASP B 262 -1.94 34.40 -11.95
N PHE B 263 -0.66 34.36 -12.30
CA PHE B 263 0.38 34.70 -11.33
C PHE B 263 0.58 36.23 -11.27
N SER B 264 0.40 36.81 -10.09
CA SER B 264 0.52 38.26 -9.93
C SER B 264 1.97 38.70 -9.78
N LYS B 265 2.74 37.95 -9.01
CA LYS B 265 4.16 38.22 -8.87
C LYS B 265 4.99 36.93 -8.68
N ILE B 266 6.15 36.88 -9.33
CA ILE B 266 7.15 35.83 -9.11
C ILE B 266 8.46 36.49 -8.68
N VAL B 267 8.92 36.21 -7.48
CA VAL B 267 10.16 36.83 -6.99
C VAL B 267 11.24 35.77 -6.71
N PHE B 268 12.41 36.00 -7.29
CA PHE B 268 13.54 35.07 -7.21
C PHE B 268 14.65 35.65 -6.34
N PHE B 269 14.91 34.99 -5.21
CA PHE B 269 15.96 35.41 -4.29
C PHE B 269 17.22 34.59 -4.54
N THR B 270 18.38 35.24 -4.63
CA THR B 270 19.61 34.54 -4.94
C THR B 270 20.87 35.36 -4.67
N THR B 271 22.01 34.80 -5.05
CA THR B 271 23.23 35.57 -5.05
C THR B 271 23.32 36.25 -6.41
N VAL B 272 23.18 37.57 -6.41
CA VAL B 272 23.03 38.28 -7.67
C VAL B 272 24.38 38.46 -8.37
N LYS B 273 25.46 38.42 -7.61
CA LYS B 273 26.79 38.59 -8.19
C LYS B 273 27.17 37.33 -9.00
N ASN B 274 26.44 36.24 -8.80
CA ASN B 274 26.62 35.04 -9.62
C ASN B 274 25.62 34.91 -10.76
N LEU B 275 24.68 35.85 -10.85
CA LEU B 275 23.71 35.87 -11.93
C LEU B 275 24.29 36.59 -13.17
N PRO B 276 24.45 35.87 -14.28
CA PRO B 276 25.04 36.45 -15.48
C PRO B 276 24.07 37.34 -16.29
N ALA B 277 24.61 37.96 -17.33
CA ALA B 277 23.92 39.01 -18.10
C ALA B 277 22.86 38.47 -19.04
N ASP B 278 23.19 37.38 -19.74
CA ASP B 278 22.22 36.74 -20.62
C ASP B 278 21.10 36.13 -19.79
N VAL B 279 21.40 35.82 -18.53
CA VAL B 279 20.42 35.22 -17.63
C VAL B 279 19.44 36.26 -17.08
N LYS B 280 19.93 37.48 -16.84
CA LYS B 280 19.08 38.57 -16.37
C LYS B 280 18.00 38.91 -17.40
N ASN B 281 18.25 38.51 -18.64
CA ASN B 281 17.27 38.62 -19.70
C ASN B 281 16.14 37.61 -19.48
N LEU B 282 16.51 36.34 -19.30
CA LEU B 282 15.54 35.27 -19.09
C LEU B 282 14.68 35.51 -17.84
N LEU B 283 15.17 36.35 -16.95
CA LEU B 283 14.44 36.70 -15.74
C LEU B 283 13.37 37.76 -16.03
N GLU B 284 13.70 38.75 -16.85
CA GLU B 284 12.69 39.73 -17.25
C GLU B 284 11.86 39.15 -18.39
N ILE B 285 12.35 38.07 -18.99
CA ILE B 285 11.68 37.42 -20.11
C ILE B 285 10.48 36.63 -19.63
N ASN B 286 10.61 36.07 -18.42
CA ASN B 286 9.49 35.47 -17.73
C ASN B 286 8.81 36.50 -16.85
N LYS B 287 9.29 37.74 -16.94
CA LYS B 287 8.78 38.89 -16.19
C LYS B 287 8.96 38.73 -14.68
N VAL B 288 9.94 37.92 -14.30
CA VAL B 288 10.29 37.68 -12.90
C VAL B 288 10.95 38.91 -12.30
N ILE B 289 10.71 39.17 -11.02
CA ILE B 289 11.50 40.15 -10.28
C ILE B 289 12.62 39.45 -9.51
N VAL B 290 13.83 39.99 -9.62
CA VAL B 290 15.00 39.35 -9.02
C VAL B 290 15.50 40.08 -7.80
N LYS B 291 15.45 39.42 -6.65
CA LYS B 291 15.94 40.03 -5.42
C LYS B 291 17.12 39.23 -4.91
N GLU B 292 17.76 39.72 -3.86
CA GLU B 292 18.93 39.03 -3.34
C GLU B 292 18.49 37.96 -2.35
N TYR B 293 19.44 37.16 -1.90
CA TYR B 293 19.16 35.94 -1.16
C TYR B 293 18.77 36.22 0.29
N GLU B 294 19.48 37.15 0.92
CA GLU B 294 19.21 37.49 2.32
C GLU B 294 17.92 38.28 2.46
N GLU B 295 17.33 38.65 1.32
CA GLU B 295 16.10 39.40 1.31
C GLU B 295 14.87 38.55 1.63
N ILE B 296 15.05 37.24 1.74
CA ILE B 296 13.93 36.32 1.93
C ILE B 296 13.10 36.68 3.17
N VAL B 297 13.74 36.70 4.34
CA VAL B 297 13.02 36.99 5.58
C VAL B 297 12.44 38.42 5.59
N PRO B 298 13.23 39.44 5.21
CA PRO B 298 12.66 40.79 5.15
C PRO B 298 11.49 40.98 4.18
N TYR B 299 11.55 40.32 3.01
CA TYR B 299 10.50 40.48 2.02
C TYR B 299 9.20 39.83 2.50
N LEU B 300 9.32 38.64 3.09
CA LEU B 300 8.13 37.95 3.58
C LEU B 300 7.52 38.72 4.74
N ARG B 301 8.37 39.15 5.68
CA ARG B 301 7.91 39.85 6.87
C ARG B 301 7.25 41.17 6.52
N ASP B 302 7.99 42.04 5.85
CA ASP B 302 7.58 43.42 5.68
C ASP B 302 6.84 43.71 4.38
N VAL B 303 6.58 42.70 3.55
CA VAL B 303 5.83 42.95 2.31
C VAL B 303 4.66 41.98 2.07
N VAL B 304 4.97 40.71 1.82
CA VAL B 304 3.95 39.75 1.44
C VAL B 304 2.90 39.54 2.52
N ILE B 305 3.36 39.23 3.73
CA ILE B 305 2.49 38.92 4.86
C ILE B 305 1.41 39.99 5.10
N PRO B 306 1.74 41.26 4.89
CA PRO B 306 0.60 42.19 4.86
C PRO B 306 -0.27 42.00 3.61
N SER B 307 -1.09 40.96 3.60
CA SER B 307 -2.17 40.81 2.62
C SER B 307 -3.17 39.74 3.05
N ILE B 308 -4.11 39.44 2.17
CA ILE B 308 -5.24 38.54 2.46
C ILE B 308 -6.03 39.03 3.67
N ASP B 317 -14.80 26.75 8.37
CA ASP B 317 -15.46 25.57 7.79
C ASP B 317 -14.79 25.20 6.46
N PHE B 318 -15.00 26.03 5.45
CA PHE B 318 -14.24 25.97 4.21
C PHE B 318 -13.14 27.02 4.31
N LYS B 319 -11.89 26.55 4.33
CA LYS B 319 -10.76 27.38 4.77
C LYS B 319 -9.78 27.81 3.66
N LYS B 320 -9.22 29.01 3.81
CA LYS B 320 -8.18 29.51 2.91
C LYS B 320 -6.87 29.78 3.66
N TYR B 321 -5.80 29.13 3.23
CA TYR B 321 -4.46 29.32 3.80
C TYR B 321 -3.74 30.55 3.22
N ASP B 322 -2.79 31.08 3.98
CA ASP B 322 -2.03 32.22 3.52
C ASP B 322 -0.84 31.88 2.61
N ILE B 323 -0.17 30.77 2.90
CA ILE B 323 1.05 30.39 2.19
C ILE B 323 1.16 28.87 2.20
N SER B 324 1.73 28.32 1.14
CA SER B 324 2.06 26.89 1.10
C SER B 324 3.58 26.71 1.13
N LEU B 325 4.04 25.94 2.11
CA LEU B 325 5.47 25.67 2.28
C LEU B 325 5.76 24.18 2.15
N SER B 326 6.94 23.86 1.65
CA SER B 326 7.43 22.49 1.63
C SER B 326 7.63 22.01 3.06
N PRO B 327 7.39 20.71 3.31
CA PRO B 327 7.34 20.19 4.68
C PRO B 327 8.63 20.40 5.46
N TYR B 328 9.77 20.33 4.79
CA TYR B 328 11.05 20.36 5.48
C TYR B 328 11.68 21.75 5.56
N ILE B 329 10.88 22.75 5.21
CA ILE B 329 11.31 24.16 5.27
C ILE B 329 11.88 24.51 6.65
N ASN B 330 12.89 25.38 6.66
CA ASN B 330 13.50 25.85 7.90
C ASN B 330 12.56 26.72 8.75
N LEU B 331 12.78 26.72 10.06
CA LEU B 331 11.92 27.43 11.02
C LEU B 331 11.95 28.94 10.89
N MET B 332 13.04 29.49 10.36
CA MET B 332 13.18 30.94 10.27
C MET B 332 12.11 31.51 9.36
N ILE B 333 11.81 30.79 8.29
CA ILE B 333 10.77 31.19 7.37
C ILE B 333 9.40 30.80 7.90
N TYR B 334 9.33 29.61 8.50
CA TYR B 334 8.11 29.11 9.09
C TYR B 334 7.54 30.03 10.16
N LYS B 335 8.37 30.31 11.17
CA LYS B 335 7.95 31.07 12.33
C LYS B 335 7.59 32.51 11.96
N LEU B 336 7.87 32.91 10.73
CA LEU B 336 7.39 34.18 10.21
C LEU B 336 5.86 34.19 10.04
N PHE B 337 5.23 33.02 10.23
CA PHE B 337 3.77 32.87 10.12
C PHE B 337 3.18 32.28 11.40
N ASP B 338 1.87 32.38 11.57
CA ASP B 338 1.21 31.62 12.63
C ASP B 338 0.82 30.27 12.05
N ARG B 339 1.07 29.20 12.81
CA ARG B 339 0.95 27.81 12.32
C ARG B 339 -0.33 27.57 11.55
N LYS B 340 -1.41 28.16 12.05
CA LYS B 340 -2.75 27.99 11.48
C LYS B 340 -2.80 28.36 10.01
N ASN B 341 -2.01 29.35 9.62
CA ASN B 341 -2.09 29.88 8.27
C ASN B 341 -1.04 29.29 7.33
N VAL B 342 -0.28 28.31 7.81
CA VAL B 342 0.81 27.73 7.00
C VAL B 342 0.51 26.29 6.59
N LEU B 343 0.28 26.10 5.30
CA LEU B 343 -0.05 24.80 4.77
C LEU B 343 1.21 24.05 4.29
N LEU B 344 1.56 23.00 5.02
CA LEU B 344 2.75 22.24 4.73
C LEU B 344 2.42 21.15 3.72
N GLN B 345 3.05 21.21 2.55
CA GLN B 345 2.86 20.17 1.57
C GLN B 345 3.98 20.18 0.55
N ASN B 346 4.16 19.06 -0.15
CA ASN B 346 5.02 19.03 -1.33
C ASN B 346 4.49 20.03 -2.34
N SER B 347 5.40 20.71 -3.03
CA SER B 347 5.01 21.60 -4.10
C SER B 347 4.58 20.75 -5.28
N PRO B 348 3.89 21.35 -6.26
CA PRO B 348 3.60 20.65 -7.53
C PRO B 348 4.84 20.21 -8.30
N VAL B 349 5.97 20.87 -8.08
CA VAL B 349 7.17 20.58 -8.84
C VAL B 349 7.72 19.20 -8.46
N VAL B 350 7.33 18.64 -7.32
CA VAL B 350 7.90 17.35 -6.93
C VAL B 350 7.42 16.23 -7.85
N LYS B 351 6.15 16.25 -8.25
CA LYS B 351 5.69 15.23 -9.19
C LYS B 351 5.92 15.61 -10.66
N MET B 352 6.29 16.85 -10.93
CA MET B 352 6.57 17.26 -12.32
C MET B 352 7.91 16.71 -12.86
N LYS B 353 8.99 16.84 -12.09
CA LYS B 353 10.32 16.36 -12.45
C LYS B 353 10.61 14.93 -11.99
N ALA B 354 9.66 14.31 -11.30
CA ALA B 354 9.82 12.91 -10.98
C ALA B 354 9.51 12.12 -12.25
N VAL B 355 8.67 12.70 -13.11
CA VAL B 355 8.41 12.13 -14.43
C VAL B 355 9.20 12.85 -15.55
N LYS B 356 10.20 12.17 -16.07
CA LYS B 356 11.06 12.74 -17.08
C LYS B 356 10.31 12.76 -18.40
N ASN B 357 10.48 13.80 -19.21
CA ASN B 357 9.98 13.70 -20.58
C ASN B 357 10.96 12.89 -21.42
N ASP B 358 10.62 12.64 -22.67
CA ASP B 358 11.37 11.67 -23.46
C ASP B 358 12.78 12.17 -23.81
N VAL B 359 12.88 13.47 -24.08
CA VAL B 359 14.17 14.09 -24.34
C VAL B 359 15.06 13.90 -23.12
N GLU B 360 14.48 14.02 -21.94
CA GLU B 360 15.20 13.79 -20.69
C GLU B 360 15.73 12.33 -20.59
N ILE B 361 14.92 11.36 -20.96
CA ILE B 361 15.34 9.97 -20.91
C ILE B 361 16.44 9.70 -21.94
N ASP B 362 16.25 10.20 -23.16
CA ASP B 362 17.25 10.12 -24.22
C ASP B 362 18.60 10.67 -23.76
N ASN B 363 18.58 11.84 -23.14
CA ASN B 363 19.79 12.44 -22.61
C ASN B 363 20.37 11.66 -21.44
N MET B 364 19.48 11.06 -20.65
CA MET B 364 19.90 10.19 -19.55
C MET B 364 20.62 8.94 -20.08
N LYS B 365 20.14 8.42 -21.21
CA LYS B 365 20.81 7.29 -21.80
C LYS B 365 22.23 7.71 -22.23
N GLN B 366 22.34 8.88 -22.89
CA GLN B 366 23.65 9.28 -23.43
C GLN B 366 24.62 9.50 -22.28
N ALA B 367 24.15 10.08 -21.18
CA ALA B 367 24.97 10.25 -19.99
C ALA B 367 25.54 8.90 -19.52
N HIS B 368 24.71 7.86 -19.59
CA HIS B 368 25.12 6.54 -19.09
C HIS B 368 26.06 5.81 -20.07
N ILE B 369 25.98 6.17 -21.34
CA ILE B 369 26.91 5.64 -22.30
C ILE B 369 28.32 6.19 -22.05
N LEU B 370 28.42 7.49 -21.87
CA LEU B 370 29.69 8.12 -21.52
C LEU B 370 30.24 7.49 -20.25
N ASP B 371 29.35 7.28 -19.28
CA ASP B 371 29.68 6.68 -18.00
C ASP B 371 30.14 5.20 -18.16
N GLY B 372 29.49 4.45 -19.04
CA GLY B 372 29.93 3.10 -19.34
C GLY B 372 31.37 3.13 -19.90
N LEU B 373 31.66 4.12 -20.73
CA LEU B 373 32.99 4.28 -21.30
C LEU B 373 34.02 4.59 -20.22
N ALA B 374 33.66 5.43 -19.25
CA ALA B 374 34.60 5.77 -18.19
C ALA B 374 34.88 4.58 -17.27
N LEU B 375 33.85 3.78 -16.98
CA LEU B 375 34.04 2.60 -16.15
C LEU B 375 34.88 1.57 -16.88
N LEU B 376 34.65 1.47 -18.19
CA LEU B 376 35.37 0.53 -19.01
C LEU B 376 36.87 0.85 -18.99
N GLN B 377 37.22 2.14 -19.08
CA GLN B 377 38.61 2.57 -19.01
C GLN B 377 39.15 2.37 -17.62
N PHE B 378 38.34 2.65 -16.61
CA PHE B 378 38.79 2.49 -15.25
C PHE B 378 39.15 1.03 -14.91
N PHE B 379 38.27 0.10 -15.24
CA PHE B 379 38.47 -1.29 -14.86
C PHE B 379 39.46 -1.97 -15.79
N HIS B 380 39.57 -1.48 -17.02
CA HIS B 380 40.65 -1.94 -17.90
C HIS B 380 42.01 -1.55 -17.30
N TRP B 381 42.08 -0.38 -16.68
CA TRP B 381 43.30 0.06 -16.03
C TRP B 381 43.63 -0.85 -14.85
N CYS B 382 42.63 -1.10 -14.00
CA CYS B 382 42.81 -1.99 -12.86
C CYS B 382 43.32 -3.37 -13.26
N GLU B 383 42.81 -3.84 -14.38
CA GLU B 383 43.03 -5.21 -14.81
C GLU B 383 44.44 -5.41 -15.37
N GLN B 384 44.91 -4.45 -16.16
CA GLN B 384 46.28 -4.48 -16.68
C GLN B 384 47.24 -4.48 -15.49
N LYS B 385 47.01 -3.58 -14.55
CA LYS B 385 47.79 -3.52 -13.33
C LYS B 385 47.64 -4.74 -12.42
N ARG B 386 46.51 -5.44 -12.50
CA ARG B 386 46.37 -6.68 -11.73
C ARG B 386 47.35 -7.72 -12.25
N LYS B 387 47.56 -7.71 -13.56
CA LYS B 387 48.35 -8.72 -14.22
C LYS B 387 49.80 -8.58 -13.80
N THR B 388 50.22 -7.34 -13.58
CA THR B 388 51.59 -6.99 -13.28
C THR B 388 51.88 -6.91 -11.78
N LYS B 389 50.88 -7.24 -10.95
CA LYS B 389 50.98 -7.10 -9.48
C LYS B 389 51.07 -5.63 -9.06
N GLU B 390 51.12 -4.73 -10.04
CA GLU B 390 51.22 -3.29 -9.79
C GLU B 390 50.05 -2.69 -9.03
N LEU B 391 48.88 -3.30 -9.17
CA LEU B 391 47.66 -2.77 -8.60
C LEU B 391 47.73 -2.71 -7.08
N PHE B 392 48.56 -3.56 -6.51
CA PHE B 392 48.59 -3.72 -5.07
C PHE B 392 49.56 -2.76 -4.41
N ASN B 393 50.18 -1.87 -5.20
CA ASN B 393 50.82 -0.70 -4.66
C ASN B 393 49.91 0.53 -4.79
N GLU B 394 48.78 0.35 -5.45
CA GLU B 394 47.78 1.41 -5.55
C GLU B 394 46.94 1.45 -4.27
N THR B 395 46.06 2.46 -4.16
CA THR B 395 45.25 2.61 -2.96
C THR B 395 43.80 2.97 -3.31
N GLU B 396 42.94 2.90 -2.29
CA GLU B 396 41.53 3.26 -2.46
C GLU B 396 41.42 4.68 -3.00
N MET B 397 42.31 5.55 -2.53
CA MET B 397 42.35 6.93 -2.99
C MET B 397 42.76 7.08 -4.46
N SER B 398 43.82 6.39 -4.87
CA SER B 398 44.29 6.55 -6.24
C SER B 398 43.30 5.94 -7.23
N LEU B 399 42.63 4.86 -6.83
CA LEU B 399 41.61 4.27 -7.68
C LEU B 399 40.43 5.23 -7.79
N ARG B 400 40.08 5.84 -6.67
CA ARG B 400 39.08 6.89 -6.66
C ARG B 400 39.42 8.03 -7.63
N HIS B 401 40.61 8.61 -7.48
CA HIS B 401 41.05 9.67 -8.39
C HIS B 401 41.06 9.21 -9.84
N LYS B 402 41.38 7.94 -10.05
CA LYS B 402 41.42 7.40 -11.40
C LYS B 402 40.07 7.38 -12.11
N VAL B 403 39.02 6.93 -11.42
CA VAL B 403 37.75 6.82 -12.09
C VAL B 403 37.15 8.22 -12.30
N ASP B 404 37.33 9.10 -11.33
CA ASP B 404 36.89 10.49 -11.47
C ASP B 404 37.61 11.13 -12.66
N TYR B 405 38.88 10.77 -12.82
CA TYR B 405 39.64 11.25 -13.97
C TYR B 405 39.03 10.80 -15.29
N PHE B 406 38.72 9.51 -15.39
CA PHE B 406 38.19 8.98 -16.64
C PHE B 406 36.80 9.53 -17.02
N ARG B 407 35.97 9.88 -16.04
CA ARG B 407 34.75 10.65 -16.31
C ARG B 407 35.06 12.07 -16.78
N SER B 408 36.02 12.72 -16.13
CA SER B 408 36.38 14.12 -16.42
C SER B 408 36.73 14.37 -17.88
N THR B 409 37.08 13.30 -18.59
CA THR B 409 37.43 13.42 -19.99
C THR B 409 36.25 13.12 -20.92
N LYS B 410 35.10 12.75 -20.36
CA LYS B 410 33.91 12.53 -21.18
C LYS B 410 33.25 13.85 -21.54
N LYS B 411 32.66 13.92 -22.73
CA LYS B 411 31.99 15.12 -23.21
C LYS B 411 30.84 15.54 -22.29
N ASN B 412 30.71 16.84 -22.08
CA ASN B 412 29.65 17.47 -21.30
C ASN B 412 29.64 17.08 -19.82
N PHE B 413 30.76 16.56 -19.33
CA PHE B 413 30.90 16.24 -17.92
C PHE B 413 31.07 17.51 -17.09
N ILE B 414 30.45 17.55 -15.92
CA ILE B 414 30.57 18.70 -15.02
C ILE B 414 31.48 18.39 -13.84
N PHE B 415 31.03 17.51 -12.96
CA PHE B 415 31.86 16.98 -11.87
C PHE B 415 31.18 15.73 -11.31
N PRO B 416 31.79 15.07 -10.30
CA PRO B 416 31.14 13.88 -9.73
C PRO B 416 29.81 14.16 -8.98
N SER B 417 28.79 13.33 -9.20
CA SER B 417 27.46 13.56 -8.63
C SER B 417 27.37 13.24 -7.15
N PHE B 418 28.40 12.61 -6.61
CA PHE B 418 28.54 12.44 -5.17
C PHE B 418 29.96 11.98 -4.91
N SER B 419 30.36 11.87 -3.65
CA SER B 419 31.75 11.53 -3.35
C SER B 419 31.98 10.05 -3.60
N THR B 420 32.93 9.75 -4.48
CA THR B 420 33.16 8.38 -4.93
C THR B 420 33.55 7.45 -3.78
N ILE B 421 32.86 6.32 -3.72
CA ILE B 421 33.17 5.29 -2.75
C ILE B 421 34.05 4.21 -3.38
N SER B 422 35.30 4.19 -2.93
CA SER B 422 36.33 3.27 -3.39
C SER B 422 36.76 2.46 -2.18
N ALA B 423 36.40 1.18 -2.15
CA ALA B 423 36.49 0.44 -0.90
C ALA B 423 37.05 -0.96 -1.09
N SER B 424 38.14 -1.24 -0.38
CA SER B 424 38.78 -2.54 -0.48
C SER B 424 38.50 -3.43 0.73
N GLY B 425 38.29 -4.71 0.46
CA GLY B 425 38.22 -5.70 1.51
C GLY B 425 37.13 -5.45 2.52
N PRO B 426 37.53 -5.34 3.79
CA PRO B 426 36.60 -5.13 4.91
C PRO B 426 35.90 -3.79 4.81
N ASN B 427 36.53 -2.81 4.17
CA ASN B 427 35.93 -1.48 4.00
C ASN B 427 34.65 -1.52 3.18
N ALA B 428 34.54 -2.52 2.31
CA ALA B 428 33.34 -2.68 1.49
C ALA B 428 32.10 -2.95 2.35
N ALA B 429 32.29 -3.27 3.63
CA ALA B 429 31.19 -3.50 4.56
C ALA B 429 30.65 -2.20 5.12
N VAL B 430 31.40 -1.12 4.95
CA VAL B 430 30.92 0.19 5.36
C VAL B 430 30.20 0.79 4.17
N ILE B 431 28.89 0.90 4.29
CA ILE B 431 28.00 1.33 3.22
C ILE B 431 28.38 2.67 2.62
N HIS B 432 28.65 3.63 3.49
CA HIS B 432 28.92 5.01 3.13
C HIS B 432 30.42 5.36 2.99
N TYR B 433 31.29 4.33 2.96
CA TYR B 433 32.74 4.51 3.12
C TYR B 433 33.35 5.64 2.30
N GLU B 434 34.08 6.52 2.99
CA GLU B 434 34.76 7.65 2.36
C GLU B 434 36.26 7.58 2.59
N CYS B 435 36.99 7.32 1.51
CA CYS B 435 38.46 7.36 1.46
C CYS B 435 39.13 8.28 2.47
N ASP B 437 42.35 10.00 3.40
CA ASP B 437 43.66 10.58 3.70
C ASP B 437 44.32 9.85 4.87
N LYS B 438 43.66 9.86 6.02
CA LYS B 438 44.04 9.00 7.13
C LYS B 438 43.25 7.69 7.11
N THR B 439 42.22 7.65 6.27
CA THR B 439 41.41 6.44 6.14
C THR B 439 41.86 5.56 4.98
N ASN B 440 42.75 6.08 4.15
CA ASN B 440 43.17 5.41 2.92
C ASN B 440 43.82 4.04 3.16
N ALA B 441 43.43 3.04 2.38
CA ALA B 441 44.02 1.70 2.50
C ALA B 441 44.55 1.17 1.17
N THR B 442 45.58 0.33 1.26
CA THR B 442 46.18 -0.35 0.12
C THR B 442 45.21 -1.33 -0.55
N ILE B 443 45.31 -1.48 -1.86
CA ILE B 443 44.44 -2.42 -2.57
C ILE B 443 44.95 -3.84 -2.38
N LYS B 444 44.04 -4.78 -2.15
CA LYS B 444 44.42 -6.15 -1.83
C LYS B 444 43.85 -7.11 -2.86
N PRO B 445 44.41 -8.33 -2.93
CA PRO B 445 43.74 -9.34 -3.76
C PRO B 445 42.50 -9.83 -3.06
N ALA B 446 41.44 -9.01 -3.13
CA ALA B 446 40.20 -9.24 -2.39
C ALA B 446 39.04 -8.47 -3.03
N ILE B 447 37.90 -8.52 -2.38
CA ILE B 447 36.74 -7.75 -2.81
C ILE B 447 37.09 -6.28 -2.99
N TYR B 448 36.62 -5.69 -4.08
CA TYR B 448 36.71 -4.25 -4.26
C TYR B 448 35.36 -3.69 -4.70
N LEU B 449 34.93 -2.61 -4.08
CA LEU B 449 33.61 -2.04 -4.38
C LEU B 449 33.74 -0.60 -4.86
N LEU B 450 33.14 -0.30 -6.00
CA LEU B 450 33.21 1.04 -6.54
C LEU B 450 31.82 1.60 -6.74
N ASP B 451 31.53 2.64 -5.99
CA ASP B 451 30.24 3.33 -6.09
C ASP B 451 30.57 4.76 -6.50
N SER B 452 30.15 5.13 -7.71
CA SER B 452 30.53 6.41 -8.30
C SER B 452 29.47 6.83 -9.32
N GLY B 453 29.50 8.10 -9.72
CA GLY B 453 28.65 8.59 -10.80
C GLY B 453 29.05 10.01 -11.11
N GLY B 454 28.42 10.64 -12.09
CA GLY B 454 28.79 12.01 -12.40
C GLY B 454 27.65 12.91 -12.82
N GLN B 455 27.92 14.22 -12.84
CA GLN B 455 26.96 15.15 -13.39
C GLN B 455 27.37 15.49 -14.79
N TYR B 456 26.45 15.31 -15.73
CA TYR B 456 26.66 15.69 -17.11
C TYR B 456 25.58 16.69 -17.48
N LEU B 457 25.75 17.40 -18.58
CA LEU B 457 24.67 18.24 -19.09
C LEU B 457 23.52 17.35 -19.47
N HIS B 458 23.86 16.11 -19.79
CA HIS B 458 22.94 15.06 -20.19
C HIS B 458 22.10 14.44 -19.07
N GLY B 459 22.57 14.55 -17.83
CA GLY B 459 21.90 13.86 -16.74
C GLY B 459 22.81 13.51 -15.57
N THR B 460 22.24 12.80 -14.60
CA THR B 460 22.98 12.39 -13.42
C THR B 460 23.07 10.87 -13.38
N THR B 461 24.28 10.33 -13.12
CA THR B 461 24.49 8.87 -13.06
C THR B 461 24.90 8.42 -11.68
N ASP B 462 24.54 7.19 -11.36
CA ASP B 462 24.91 6.56 -10.10
C ASP B 462 25.09 5.07 -10.38
N VAL B 463 26.27 4.52 -10.09
CA VAL B 463 26.59 3.12 -10.45
C VAL B 463 27.43 2.46 -9.37
N THR B 464 27.15 1.21 -9.06
CA THR B 464 28.04 0.44 -8.18
C THR B 464 28.30 -0.89 -8.84
N ARG B 465 29.58 -1.25 -8.88
CA ARG B 465 29.99 -2.57 -9.30
C ARG B 465 30.92 -3.11 -8.22
N THR B 466 30.81 -4.38 -7.91
CA THR B 466 31.74 -5.01 -6.97
C THR B 466 32.53 -6.07 -7.73
N THR B 467 33.85 -6.06 -7.57
CA THR B 467 34.70 -7.02 -8.27
C THR B 467 35.70 -7.64 -7.30
N HIS B 468 36.62 -8.44 -7.81
CA HIS B 468 37.62 -9.11 -6.97
C HIS B 468 38.97 -9.16 -7.70
N PHE B 469 40.02 -8.65 -7.05
CA PHE B 469 41.35 -8.55 -7.65
C PHE B 469 42.24 -9.76 -7.34
N GLY B 470 41.75 -10.59 -6.43
CA GLY B 470 42.36 -11.85 -6.05
C GLY B 470 41.61 -13.04 -6.64
N GLU B 471 41.51 -14.10 -5.84
CA GLU B 471 40.69 -15.27 -6.15
C GLU B 471 39.55 -15.37 -5.15
N PRO B 472 38.32 -15.16 -5.63
CA PRO B 472 37.14 -15.08 -4.76
C PRO B 472 36.93 -16.36 -3.98
N THR B 473 36.62 -16.21 -2.70
CA THR B 473 36.16 -17.34 -1.89
C THR B 473 34.73 -17.70 -2.28
N ALA B 474 34.34 -18.95 -2.01
CA ALA B 474 32.97 -19.40 -2.30
C ALA B 474 31.92 -18.60 -1.55
N GLU B 475 32.28 -18.05 -0.38
CA GLU B 475 31.39 -17.17 0.38
C GLU B 475 31.15 -15.88 -0.38
N GLU B 476 32.23 -15.26 -0.84
CA GLU B 476 32.14 -14.03 -1.60
C GLU B 476 31.26 -14.18 -2.85
N LYS B 477 31.42 -15.29 -3.57
CA LYS B 477 30.64 -15.53 -4.78
C LYS B 477 29.17 -15.73 -4.43
N ARG B 478 28.91 -16.48 -3.36
CA ARG B 478 27.55 -16.77 -2.95
C ARG B 478 26.85 -15.46 -2.58
N ILE B 479 27.53 -14.66 -1.75
CA ILE B 479 26.99 -13.39 -1.33
C ILE B 479 26.78 -12.49 -2.53
N TYR B 480 27.77 -12.42 -3.41
CA TYR B 480 27.64 -11.62 -4.61
C TYR B 480 26.44 -12.08 -5.44
N THR B 481 26.29 -13.39 -5.63
CA THR B 481 25.24 -13.90 -6.49
C THR B 481 23.82 -13.73 -5.89
N LEU B 482 23.70 -13.87 -4.57
CA LEU B 482 22.42 -13.62 -3.91
C LEU B 482 21.99 -12.16 -4.09
N VAL B 483 22.94 -11.25 -3.98
CA VAL B 483 22.70 -9.84 -4.24
C VAL B 483 22.27 -9.63 -5.71
N LEU B 484 23.08 -10.17 -6.62
CA LEU B 484 22.81 -10.06 -8.05
C LEU B 484 21.44 -10.60 -8.45
N LYS B 485 21.03 -11.70 -7.86
CA LYS B 485 19.74 -12.29 -8.21
C LYS B 485 18.57 -11.30 -7.97
N GLY B 486 18.57 -10.58 -6.85
CA GLY B 486 17.51 -9.60 -6.62
C GLY B 486 17.67 -8.37 -7.52
N HIS B 487 18.92 -8.02 -7.79
CA HIS B 487 19.24 -6.97 -8.74
C HIS B 487 18.67 -7.30 -10.12
N LEU B 488 18.93 -8.51 -10.59
CA LEU B 488 18.47 -8.92 -11.91
C LEU B 488 16.95 -9.02 -11.95
N ARG B 489 16.34 -9.48 -10.87
CA ARG B 489 14.90 -9.56 -10.80
C ARG B 489 14.28 -8.17 -10.98
N LEU B 490 14.75 -7.21 -10.20
CA LEU B 490 14.24 -5.85 -10.28
C LEU B 490 14.45 -5.15 -11.65
N ARG B 491 15.46 -5.59 -12.39
CA ARG B 491 15.79 -5.04 -13.71
C ARG B 491 14.68 -5.27 -14.68
N LYS B 492 14.21 -6.50 -14.70
CA LYS B 492 13.22 -6.95 -15.68
C LYS B 492 11.80 -7.20 -15.15
N VAL B 493 11.54 -6.93 -13.87
CA VAL B 493 10.22 -7.25 -13.30
C VAL B 493 9.06 -6.61 -14.09
N ILE B 494 8.03 -7.41 -14.31
CA ILE B 494 6.79 -6.97 -14.94
C ILE B 494 5.73 -6.82 -13.84
N PHE B 495 5.17 -5.62 -13.71
CA PHE B 495 4.21 -5.38 -12.64
C PHE B 495 3.06 -4.53 -13.11
N ALA B 496 1.88 -4.82 -12.56
CA ALA B 496 0.70 -4.02 -12.90
C ALA B 496 0.96 -2.63 -12.41
N SER B 497 0.48 -1.66 -13.17
CA SER B 497 0.77 -0.27 -12.87
C SER B 497 0.29 0.22 -11.50
N TYR B 498 -0.58 -0.55 -10.83
CA TYR B 498 -1.06 -0.13 -9.50
C TYR B 498 -0.08 -0.60 -8.39
N THR B 499 0.87 -1.45 -8.76
CA THR B 499 1.78 -2.06 -7.77
C THR B 499 2.55 -1.08 -6.92
N ASN B 500 2.45 -1.22 -5.61
CA ASN B 500 3.18 -0.34 -4.70
C ASN B 500 4.69 -0.61 -4.84
N SER B 501 5.49 0.44 -4.83
CA SER B 501 6.92 0.27 -5.07
C SER B 501 7.57 -0.58 -3.97
N SER B 502 6.97 -0.62 -2.79
CA SER B 502 7.53 -1.42 -1.68
C SER B 502 7.55 -2.89 -2.02
N ALA B 503 6.68 -3.29 -2.92
CA ALA B 503 6.69 -4.67 -3.41
C ALA B 503 7.96 -4.90 -4.26
N LEU B 504 8.34 -3.91 -5.06
CA LEU B 504 9.54 -4.05 -5.86
C LEU B 504 10.72 -4.15 -4.91
N ASP B 505 10.63 -3.43 -3.80
CA ASP B 505 11.70 -3.50 -2.80
C ASP B 505 11.79 -4.90 -2.22
N PHE B 506 10.65 -5.56 -2.11
CA PHE B 506 10.64 -6.86 -1.48
C PHE B 506 11.40 -7.91 -2.32
N ILE B 507 11.21 -7.87 -3.63
CA ILE B 507 11.72 -8.92 -4.48
C ILE B 507 13.21 -8.77 -4.71
N ALA B 508 13.75 -7.59 -4.44
CA ALA B 508 15.18 -7.40 -4.51
C ALA B 508 15.82 -7.99 -3.25
N ARG B 509 14.99 -8.16 -2.20
CA ARG B 509 15.41 -8.80 -0.95
C ARG B 509 15.15 -10.31 -0.81
N GLU B 510 14.30 -10.90 -1.64
CA GLU B 510 13.69 -12.16 -1.19
C GLU B 510 14.71 -13.30 -1.09
N ASN B 511 15.63 -13.37 -2.04
CA ASN B 511 16.69 -14.38 -2.03
C ASN B 511 17.57 -14.24 -0.81
N LEU B 512 17.80 -13.00 -0.40
CA LEU B 512 18.53 -12.72 0.83
C LEU B 512 17.71 -13.10 2.06
N PHE B 513 16.40 -12.85 1.97
CA PHE B 513 15.47 -13.22 3.03
C PHE B 513 15.48 -14.74 3.24
N ASN B 514 15.46 -15.49 2.14
CA ASN B 514 15.43 -16.96 2.22
C ASN B 514 16.61 -17.51 3.02
N ASN B 515 17.72 -16.80 3.01
CA ASN B 515 18.89 -17.14 3.81
C ASN B 515 19.00 -16.35 5.10
N PHE B 516 17.95 -15.60 5.44
CA PHE B 516 17.90 -14.86 6.69
C PHE B 516 18.95 -13.74 6.72
N MET B 517 19.17 -13.14 5.55
CA MET B 517 20.08 -12.01 5.42
C MET B 517 19.29 -10.78 4.99
N ASP B 518 19.81 -9.60 5.28
CA ASP B 518 19.13 -8.37 4.88
C ASP B 518 20.12 -7.23 4.73
N TYR B 519 19.75 -6.21 3.96
CA TYR B 519 20.50 -4.97 3.98
C TYR B 519 19.74 -3.81 4.60
N ASN B 520 20.51 -2.98 5.28
CA ASN B 520 20.01 -1.90 6.11
C ASN B 520 19.75 -0.63 5.34
N HIS B 521 19.63 -0.72 4.02
CA HIS B 521 19.20 0.44 3.29
C HIS B 521 18.06 0.13 2.31
N GLY B 522 17.57 1.18 1.65
CA GLY B 522 16.53 1.04 0.65
C GLY B 522 17.10 0.44 -0.62
N THR B 523 16.23 -0.11 -1.47
CA THR B 523 16.65 -0.69 -2.74
C THR B 523 16.86 0.35 -3.82
N GLY B 524 16.08 1.44 -3.80
CA GLY B 524 16.21 2.45 -4.84
C GLY B 524 15.68 3.82 -4.48
N HIS B 525 16.17 4.82 -5.21
CA HIS B 525 15.69 6.18 -5.09
C HIS B 525 15.58 6.80 -6.49
N GLY B 526 14.79 7.85 -6.60
CA GLY B 526 14.72 8.60 -7.85
C GLY B 526 16.03 9.35 -8.08
N VAL B 527 16.29 9.71 -9.33
CA VAL B 527 17.48 10.44 -9.74
C VAL B 527 17.07 11.63 -10.59
N GLY B 528 17.72 12.76 -10.36
CA GLY B 528 17.38 13.96 -11.10
C GLY B 528 18.22 14.12 -12.36
N LEU B 529 17.78 15.01 -13.23
CA LEU B 529 18.54 15.32 -14.42
C LEU B 529 19.49 16.48 -14.13
N THR B 530 20.78 16.18 -14.03
CA THR B 530 21.80 17.16 -13.61
C THR B 530 21.35 17.95 -12.39
N LEU B 531 21.10 17.20 -11.31
CA LEU B 531 20.46 17.66 -10.08
C LEU B 531 20.94 16.71 -8.98
N ASN B 532 20.21 16.62 -7.87
CA ASN B 532 20.59 15.67 -6.84
C ASN B 532 20.56 14.23 -7.32
N VAL B 533 21.49 13.43 -6.80
CA VAL B 533 21.56 12.03 -7.15
C VAL B 533 20.47 11.27 -6.38
N HIS B 534 20.06 11.81 -5.23
CA HIS B 534 18.88 11.34 -4.51
C HIS B 534 17.72 12.28 -4.73
N GLU B 535 16.76 11.90 -5.56
CA GLU B 535 15.64 12.82 -5.79
C GLU B 535 14.36 12.25 -5.19
N GLY B 536 13.52 13.11 -4.61
CA GLY B 536 12.23 12.65 -4.11
C GLY B 536 11.25 12.47 -5.25
N GLY B 537 10.03 12.07 -4.94
CA GLY B 537 8.98 11.94 -5.94
C GLY B 537 8.66 10.49 -6.26
N CYS B 538 9.56 9.61 -5.84
CA CYS B 538 9.42 8.17 -6.06
C CYS B 538 10.56 7.47 -5.37
N SER B 539 10.40 6.18 -5.10
CA SER B 539 11.48 5.41 -4.53
C SER B 539 11.16 3.95 -4.61
N ILE B 540 12.14 3.12 -4.24
CA ILE B 540 11.88 1.72 -4.00
C ILE B 540 12.46 1.37 -2.63
N GLY B 541 11.56 1.18 -1.67
CA GLY B 541 11.95 1.05 -0.27
C GLY B 541 10.92 0.25 0.51
N PRO B 542 11.31 -0.24 1.70
CA PRO B 542 10.43 -1.01 2.58
C PRO B 542 9.33 -0.17 3.27
N VAL B 543 9.63 1.06 3.62
CA VAL B 543 8.68 1.85 4.40
C VAL B 543 7.75 2.66 3.52
N GLY B 544 8.25 3.74 2.93
CA GLY B 544 7.40 4.53 2.05
C GLY B 544 7.25 3.82 0.73
N GLY B 545 6.04 3.82 0.17
CA GLY B 545 5.87 3.30 -1.18
C GLY B 545 4.68 3.89 -1.90
N ALA B 546 4.76 3.96 -3.23
CA ALA B 546 3.66 4.40 -4.08
C ALA B 546 3.75 3.72 -5.45
N PRO B 547 2.63 3.67 -6.21
CA PRO B 547 2.75 3.14 -7.57
C PRO B 547 3.73 3.94 -8.41
N LEU B 548 4.49 3.26 -9.25
CA LEU B 548 5.39 3.93 -10.19
C LEU B 548 4.66 4.31 -11.49
N LYS B 549 5.18 5.32 -12.17
CA LYS B 549 4.67 5.78 -13.44
C LYS B 549 5.73 5.68 -14.54
N LYS B 550 5.30 5.63 -15.80
CA LYS B 550 6.21 5.62 -16.92
C LYS B 550 7.16 6.81 -16.83
N ASN B 551 8.41 6.57 -17.22
CA ASN B 551 9.49 7.57 -17.26
C ASN B 551 9.93 8.11 -15.92
N MET B 552 9.62 7.40 -14.86
CA MET B 552 10.30 7.63 -13.60
C MET B 552 11.70 7.02 -13.74
N VAL B 553 12.69 7.68 -13.13
CA VAL B 553 14.03 7.15 -13.16
C VAL B 553 14.43 6.70 -11.75
N LEU B 554 14.80 5.44 -11.60
CA LEU B 554 15.11 4.87 -10.29
C LEU B 554 16.43 4.09 -10.27
N SER B 555 17.14 4.13 -9.14
CA SER B 555 18.26 3.21 -8.93
C SER B 555 17.77 1.84 -8.45
N ASN B 556 18.56 0.80 -8.73
CA ASN B 556 18.29 -0.55 -8.27
C ASN B 556 19.59 -1.08 -7.67
N GLU B 557 19.65 -1.13 -6.34
CA GLU B 557 20.92 -1.31 -5.65
C GLU B 557 20.87 -2.15 -4.36
N PRO B 558 20.51 -3.44 -4.49
CA PRO B 558 20.58 -4.31 -3.31
C PRO B 558 22.03 -4.53 -2.90
N GLY B 559 22.23 -5.03 -1.68
CA GLY B 559 23.58 -5.25 -1.20
C GLY B 559 23.57 -6.19 -0.02
N TYR B 560 24.75 -6.55 0.45
CA TYR B 560 24.89 -7.24 1.72
C TYR B 560 26.27 -6.90 2.27
N TYR B 561 26.36 -6.71 3.58
CA TYR B 561 27.57 -6.18 4.21
C TYR B 561 27.90 -6.94 5.48
N MET B 562 29.17 -7.29 5.63
CA MET B 562 29.66 -8.07 6.78
C MET B 562 30.82 -7.36 7.46
N LYS B 563 30.58 -6.95 8.70
CA LYS B 563 31.58 -6.23 9.48
C LYS B 563 32.92 -6.96 9.52
N ASP B 564 33.99 -6.23 9.22
CA ASP B 564 35.37 -6.74 9.23
C ASP B 564 35.65 -7.81 8.17
N LYS B 565 34.65 -8.25 7.42
CA LYS B 565 34.91 -9.20 6.34
C LYS B 565 34.85 -8.53 4.96
N PHE B 566 33.66 -8.28 4.45
CA PHE B 566 33.50 -7.58 3.17
C PHE B 566 32.04 -7.19 2.92
N GLY B 567 31.82 -6.57 1.76
CA GLY B 567 30.47 -6.23 1.36
C GLY B 567 30.29 -6.27 -0.14
N VAL B 568 29.04 -6.29 -0.59
CA VAL B 568 28.70 -6.33 -2.01
C VAL B 568 27.55 -5.40 -2.29
N ARG B 569 27.66 -4.59 -3.33
CA ARG B 569 26.50 -3.84 -3.81
C ARG B 569 26.56 -3.80 -5.31
N ILE B 570 25.41 -3.97 -5.94
CA ILE B 570 25.29 -3.97 -7.38
C ILE B 570 24.22 -2.97 -7.76
N GLU B 571 24.63 -1.86 -8.36
CA GLU B 571 23.68 -0.78 -8.64
C GLU B 571 23.59 -0.31 -10.10
N ASN B 572 22.34 -0.30 -10.60
CA ASN B 572 21.99 0.29 -11.88
C ASN B 572 20.97 1.41 -11.74
N MET B 573 21.00 2.31 -12.71
CA MET B 573 19.86 3.18 -12.92
C MET B 573 19.05 2.61 -14.07
N GLN B 574 17.74 2.74 -13.94
CA GLN B 574 16.79 2.25 -14.91
C GLN B 574 15.56 3.15 -14.84
N TYR B 575 14.70 3.07 -15.83
CA TYR B 575 13.54 3.92 -15.90
C TYR B 575 12.33 3.07 -16.25
N VAL B 576 11.14 3.52 -15.83
CA VAL B 576 9.91 2.71 -15.94
C VAL B 576 9.36 2.78 -17.35
N ILE B 577 9.03 1.63 -17.92
CA ILE B 577 8.41 1.61 -19.25
C ILE B 577 7.06 0.91 -19.25
N SER B 578 6.27 1.19 -20.29
CA SER B 578 5.03 0.46 -20.46
C SER B 578 5.29 -0.82 -21.24
N LYS B 579 5.13 -1.95 -20.57
CA LYS B 579 5.41 -3.23 -21.21
C LYS B 579 4.26 -3.79 -22.05
N GLU B 580 3.06 -3.79 -21.48
CA GLU B 580 1.88 -4.29 -22.19
C GLU B 580 0.60 -3.66 -21.69
N ILE B 581 -0.31 -3.38 -22.61
CA ILE B 581 -1.65 -2.95 -22.20
C ILE B 581 -2.71 -3.91 -22.73
N THR B 582 -3.36 -4.62 -21.82
CA THR B 582 -4.47 -5.51 -22.14
C THR B 582 -5.80 -4.83 -21.85
N ASP B 583 -6.92 -5.50 -22.13
CA ASP B 583 -8.26 -4.94 -21.93
C ASP B 583 -8.41 -4.30 -20.55
N THR B 584 -8.07 -5.06 -19.53
CA THR B 584 -8.20 -4.60 -18.15
C THR B 584 -7.02 -3.81 -17.56
N THR B 585 -5.80 -4.06 -18.03
CA THR B 585 -4.64 -3.77 -17.19
C THR B 585 -3.42 -3.23 -17.97
N GLU B 586 -2.70 -2.29 -17.36
CA GLU B 586 -1.40 -1.88 -17.90
C GLU B 586 -0.26 -2.50 -17.10
N TYR B 587 0.61 -3.23 -17.81
CA TYR B 587 1.80 -3.81 -17.18
C TYR B 587 3.02 -2.97 -17.46
N LEU B 588 3.79 -2.76 -16.41
CA LEU B 588 4.95 -1.89 -16.48
C LEU B 588 6.18 -2.76 -16.27
N SER B 589 7.33 -2.22 -16.65
CA SER B 589 8.61 -2.88 -16.42
C SER B 589 9.69 -1.80 -16.41
N PHE B 590 10.95 -2.20 -16.51
CA PHE B 590 12.00 -1.18 -16.60
C PHE B 590 12.82 -1.37 -17.87
N ASP B 591 13.54 -0.33 -18.27
CA ASP B 591 14.60 -0.49 -19.24
C ASP B 591 15.87 0.13 -18.64
N ASP B 592 17.02 -0.42 -19.02
CA ASP B 592 18.30 -0.01 -18.46
C ASP B 592 18.73 1.39 -18.86
N LEU B 593 19.33 2.08 -17.91
CA LEU B 593 20.15 3.23 -18.22
C LEU B 593 21.63 2.79 -18.17
N THR B 594 22.05 2.28 -17.01
CA THR B 594 23.41 1.85 -16.77
C THR B 594 23.91 0.79 -17.76
N MET B 595 25.03 1.07 -18.43
CA MET B 595 25.61 0.04 -19.26
C MET B 595 26.98 -0.38 -18.74
N TYR B 596 27.03 -1.37 -17.86
CA TYR B 596 28.34 -1.95 -17.56
C TYR B 596 28.17 -3.40 -17.11
N PRO B 597 29.10 -4.29 -17.50
CA PRO B 597 28.82 -5.69 -17.17
C PRO B 597 28.86 -5.97 -15.67
N TYR B 598 28.47 -7.17 -15.30
CA TYR B 598 28.70 -7.65 -13.94
C TYR B 598 29.97 -8.49 -13.93
N GLU B 599 30.35 -8.99 -12.76
CA GLU B 599 31.61 -9.69 -12.59
C GLU B 599 31.47 -11.20 -12.70
N LYS B 600 31.98 -11.80 -13.78
CA LYS B 600 31.83 -13.25 -13.97
C LYS B 600 32.59 -14.06 -12.92
N LYS B 601 33.67 -13.49 -12.39
CA LYS B 601 34.46 -14.20 -11.38
C LYS B 601 33.65 -14.41 -10.12
N LEU B 602 32.70 -13.52 -9.85
CA LEU B 602 31.98 -13.62 -8.60
C LEU B 602 30.70 -14.44 -8.71
N LEU B 603 30.45 -15.05 -9.87
CA LEU B 603 29.21 -15.80 -10.07
C LEU B 603 29.23 -17.21 -9.47
N ASP B 604 28.28 -17.49 -8.60
CA ASP B 604 28.02 -18.84 -8.14
C ASP B 604 26.95 -19.43 -9.05
N PHE B 605 27.35 -20.42 -9.84
CA PHE B 605 26.44 -20.99 -10.85
C PHE B 605 25.50 -22.05 -10.28
N SER B 606 25.66 -22.38 -9.01
CA SER B 606 24.67 -23.21 -8.34
C SER B 606 23.41 -22.42 -7.96
N LEU B 607 23.54 -21.10 -7.79
CA LEU B 607 22.37 -20.28 -7.42
C LEU B 607 21.67 -19.63 -8.62
N LEU B 608 22.26 -19.75 -9.80
CA LEU B 608 21.80 -19.00 -10.97
C LEU B 608 20.89 -19.84 -11.89
N THR B 609 19.70 -19.33 -12.17
CA THR B 609 18.81 -19.98 -13.12
C THR B 609 19.22 -19.73 -14.56
N ASN B 610 18.69 -20.55 -15.45
CA ASN B 610 18.97 -20.38 -16.86
C ASN B 610 18.43 -19.06 -17.40
N GLN B 611 17.31 -18.61 -16.81
CA GLN B 611 16.72 -17.32 -17.10
C GLN B 611 17.63 -16.17 -16.68
N GLU B 612 18.39 -16.36 -15.61
CA GLU B 612 19.32 -15.33 -15.17
C GLU B 612 20.52 -15.26 -16.10
N ILE B 613 20.95 -16.41 -16.59
CA ILE B 613 22.09 -16.47 -17.51
C ILE B 613 21.73 -15.81 -18.84
N LYS B 614 20.61 -16.24 -19.41
CA LYS B 614 20.05 -15.64 -20.62
C LYS B 614 19.98 -14.12 -20.50
N GLU B 615 19.58 -13.61 -19.35
CA GLU B 615 19.42 -12.18 -19.17
C GLU B 615 20.78 -11.50 -19.04
N LEU B 616 21.72 -12.19 -18.42
CA LEU B 616 23.09 -11.72 -18.30
C LEU B 616 23.67 -11.59 -19.68
N ASN B 617 23.57 -12.66 -20.45
CA ASN B 617 24.10 -12.63 -21.80
C ASN B 617 23.46 -11.53 -22.61
N GLU B 618 22.15 -11.38 -22.50
CA GLU B 618 21.41 -10.32 -23.19
C GLU B 618 21.93 -8.95 -22.82
N TYR B 619 22.07 -8.73 -21.53
CA TYR B 619 22.60 -7.46 -21.08
C TYR B 619 24.03 -7.25 -21.59
N HIS B 620 24.90 -8.24 -21.47
CA HIS B 620 26.30 -8.06 -21.87
C HIS B 620 26.47 -7.87 -23.38
N THR B 621 25.70 -8.60 -24.19
CA THR B 621 25.77 -8.39 -25.65
C THR B 621 25.27 -7.01 -26.02
N THR B 622 24.19 -6.56 -25.35
CA THR B 622 23.69 -5.19 -25.51
C THR B 622 24.73 -4.12 -25.20
N ILE B 623 25.42 -4.28 -24.08
CA ILE B 623 26.53 -3.40 -23.72
C ILE B 623 27.61 -3.39 -24.82
N ARG B 624 27.95 -4.56 -25.36
CA ARG B 624 28.98 -4.64 -26.40
C ARG B 624 28.49 -3.90 -27.64
N ASN B 625 27.23 -4.13 -28.01
CA ASN B 625 26.69 -3.50 -29.22
C ASN B 625 26.69 -1.99 -29.10
N THR B 626 26.50 -1.51 -27.88
CA THR B 626 26.44 -0.06 -27.65
C THR B 626 27.81 0.62 -27.50
N LEU B 627 28.67 0.03 -26.68
CA LEU B 627 29.94 0.67 -26.34
C LEU B 627 31.00 0.46 -27.41
N LEU B 628 31.03 -0.73 -28.01
CA LEU B 628 32.16 -1.11 -28.86
C LEU B 628 32.36 -0.17 -30.08
N PRO B 629 31.28 0.23 -30.78
CA PRO B 629 31.56 1.12 -31.92
C PRO B 629 32.11 2.48 -31.49
N LEU B 630 31.79 2.90 -30.26
CA LEU B 630 32.33 4.17 -29.77
C LEU B 630 33.80 4.04 -29.43
N VAL B 631 34.13 2.92 -28.79
CA VAL B 631 35.49 2.63 -28.44
C VAL B 631 36.35 2.59 -29.73
N LYS B 632 35.90 1.88 -30.76
CA LYS B 632 36.63 1.83 -32.05
C LYS B 632 36.72 3.18 -32.76
N GLN B 633 35.83 4.10 -32.44
CA GLN B 633 35.88 5.41 -33.07
C GLN B 633 37.05 6.24 -32.55
N SER B 634 37.59 5.88 -31.39
CA SER B 634 38.67 6.66 -30.80
C SER B 634 39.79 5.81 -30.21
N PRO B 635 40.59 5.18 -31.08
CA PRO B 635 41.70 4.27 -30.75
C PRO B 635 42.70 4.89 -29.76
N GLN B 636 42.88 6.20 -29.84
CA GLN B 636 43.84 6.88 -28.98
C GLN B 636 43.34 7.08 -27.55
N GLU B 637 42.02 7.18 -27.37
CA GLU B 637 41.43 7.21 -26.04
C GLU B 637 41.22 5.80 -25.49
N TYR B 638 40.90 4.88 -26.39
CA TYR B 638 40.69 3.49 -26.00
C TYR B 638 41.55 2.57 -26.86
N GLY B 639 42.53 1.93 -26.26
CA GLY B 639 43.42 1.08 -27.06
C GLY B 639 42.79 -0.18 -27.64
N GLU B 640 43.61 -0.96 -28.32
CA GLU B 640 43.24 -2.31 -28.72
C GLU B 640 43.11 -3.19 -27.49
N SER B 641 43.86 -2.85 -26.45
CA SER B 641 43.73 -3.53 -25.19
C SER B 641 42.32 -3.29 -24.59
N VAL B 642 41.84 -2.05 -24.68
CA VAL B 642 40.51 -1.70 -24.19
C VAL B 642 39.42 -2.47 -24.94
N GLU B 643 39.53 -2.53 -26.28
CA GLU B 643 38.54 -3.23 -27.10
C GLU B 643 38.50 -4.69 -26.69
N LYS B 644 39.68 -5.32 -26.63
CA LYS B 644 39.75 -6.72 -26.22
C LYS B 644 39.19 -6.95 -24.83
N TYR B 645 39.47 -6.04 -23.91
CA TYR B 645 38.95 -6.18 -22.57
C TYR B 645 37.41 -6.06 -22.57
N LEU B 646 36.86 -5.04 -23.21
CA LEU B 646 35.42 -4.90 -23.42
C LEU B 646 34.77 -6.13 -24.03
N ILE B 647 35.41 -6.66 -25.07
CA ILE B 647 34.93 -7.87 -25.71
C ILE B 647 34.95 -9.02 -24.72
N GLU B 648 36.01 -9.16 -23.94
CA GLU B 648 36.06 -10.30 -23.00
C GLU B 648 35.01 -10.19 -21.91
N ILE B 649 34.77 -9.00 -21.36
CA ILE B 649 33.77 -8.93 -20.28
C ILE B 649 32.32 -8.98 -20.79
N THR B 650 32.12 -8.81 -22.10
CA THR B 650 30.78 -8.89 -22.68
C THR B 650 30.49 -10.22 -23.35
N GLU B 651 31.42 -11.16 -23.22
CA GLU B 651 31.26 -12.47 -23.84
C GLU B 651 30.20 -13.32 -23.15
N PRO B 652 29.38 -14.03 -23.93
CA PRO B 652 28.36 -14.88 -23.34
C PRO B 652 28.90 -15.95 -22.40
N ILE B 653 28.22 -16.13 -21.27
CA ILE B 653 28.43 -17.28 -20.43
C ILE B 653 27.83 -18.50 -21.12
N ALA B 654 28.60 -19.58 -21.14
CA ALA B 654 28.12 -20.87 -21.64
C ALA B 654 26.91 -21.36 -20.86
CB 01B C 1 -15.76 -14.90 0.07
CA 01B C 1 -14.67 -15.05 -0.96
N 01B C 1 -15.86 -16.14 0.71
O2 01B C 1 -13.87 -16.16 -0.61
C 01B C 1 -13.78 -13.87 -0.95
C6 01B C 1 -17.05 -14.58 -0.67
C7 01B C 1 -18.02 -13.74 0.23
C8 01B C 1 -17.86 -13.75 1.58
C9 01B C 1 -18.80 -12.94 2.48
C10 01B C 1 -19.83 -12.21 1.92
C11 01B C 1 -20.01 -12.20 0.42
C12 01B C 1 -19.16 -12.92 -0.39
O 01B C 1 -13.52 -13.29 0.09
N PRO C 2 -13.20 -13.43 -2.23
CA PRO C 2 -12.28 -12.30 -2.46
C PRO C 2 -12.58 -11.08 -1.70
N PRO C 3 -11.44 -10.33 -1.09
CA PRO C 3 -11.56 -9.09 -0.32
C PRO C 3 -12.03 -7.97 -1.23
N ALA C 4 -11.58 -8.02 -2.67
CA ALA C 4 -11.97 -7.00 -3.64
C ALA C 4 -11.42 -5.65 -3.24
N NH2 C 5 -10.06 -5.28 -3.63
MN MN D . -11.93 -15.39 1.11
MN MN E . -13.57 -18.04 -0.17
MN MN F . 22.33 5.12 -5.41
MN MN G . 25.58 4.51 -6.02
P PO4 H . 24.64 6.05 -3.36
O1 PO4 H . 25.46 5.80 -2.12
O2 PO4 H . 23.16 5.86 -3.06
O3 PO4 H . 24.92 7.47 -3.80
O4 PO4 H . 25.05 5.08 -4.43
#